data_8U7F
#
_entry.id   8U7F
#
_cell.length_a   193.215
_cell.length_b   51.805
_cell.length_c   128.794
_cell.angle_alpha   90.000
_cell.angle_beta   108.340
_cell.angle_gamma   90.000
#
_symmetry.space_group_name_H-M   'C 1 2 1'
#
loop_
_entity.id
_entity.type
_entity.pdbx_description
1 polymer 'CIB_12 Beta-galactosidase'
2 non-polymer GLYCEROL
3 water water
#
_entity_poly.entity_id   1
_entity_poly.type   'polypeptide(L)'
_entity_poly.pdbx_seq_one_letter_code
;MFPKNFKFGFSEAGFQFEMGVSDIDTNTDWYKWSHDSENIKNHIVSGDRPEEGVGYWDLYPKDHDLAEYIGMNAARIGIE
WSRIFPVSTERVTVEVIEENGDILEIKITEKTIKELDLLSDKNAMQHYTNIFNDIKKRGWFLVINLFHWSLPLWINDPSN
RNSEKDNALGNCMNRSSVIEFVKYAAYISYYFGSIADRFATMNEPNEVFKTCSEDKRVESYHIRMKWFVEAHARSYDAMK
QFTNRQIGVIYANGDVQSFENKDPKLKEEVEYEQRYSFFDALIHGDVHWYVGACRKTNHVHGKSIRPDLSNRIDWIGVNY
YSRNVVKRKEDGYENVRGLGYDTGWVSYEKSLDGRSVSETGWEIYPEGIYNIVMSYHKRYELPMMITENGMADDNDRFRP
RYLVSHLKNLERAINDGAKVDGYLHWALTDNFEWGSGFSKKFGLIKVDYKTKKRYLRPSALIMKEITKHNGIPEELEWLG
EDKF
;
_entity_poly.pdbx_strand_id   A,B
#
# COMPACT_ATOMS: atom_id res chain seq x y z
N MET A 1 20.84 -4.61 -8.62
CA MET A 1 19.76 -5.24 -9.37
C MET A 1 19.89 -6.77 -9.32
N PHE A 2 18.78 -7.45 -9.59
CA PHE A 2 18.78 -8.90 -9.62
C PHE A 2 19.46 -9.41 -10.88
N PRO A 3 19.84 -10.69 -10.92
CA PRO A 3 20.46 -11.23 -12.14
C PRO A 3 19.53 -11.14 -13.33
N LYS A 4 20.13 -11.21 -14.52
CA LYS A 4 19.37 -11.11 -15.76
C LYS A 4 18.39 -12.26 -15.89
N ASN A 5 17.18 -11.94 -16.36
CA ASN A 5 16.10 -12.92 -16.53
C ASN A 5 15.75 -13.62 -15.22
N PHE A 6 15.92 -12.92 -14.09
CA PHE A 6 15.52 -13.49 -12.81
C PHE A 6 14.03 -13.76 -12.80
N LYS A 7 13.64 -14.82 -12.09
CA LYS A 7 12.27 -15.30 -12.11
C LYS A 7 11.51 -14.70 -10.94
N PHE A 8 10.55 -13.83 -11.25
CA PHE A 8 9.59 -13.31 -10.28
C PHE A 8 8.24 -13.91 -10.62
N GLY A 9 7.63 -14.60 -9.65
CA GLY A 9 6.37 -15.24 -9.91
C GLY A 9 5.60 -15.57 -8.65
N PHE A 10 4.75 -16.59 -8.76
CA PHE A 10 3.87 -16.99 -7.68
C PHE A 10 3.85 -18.50 -7.56
N SER A 11 3.43 -18.98 -6.40
CA SER A 11 3.25 -20.39 -6.15
C SER A 11 1.77 -20.69 -5.93
N GLU A 12 1.38 -21.92 -6.25
CA GLU A 12 -0.03 -22.30 -6.17
C GLU A 12 -0.13 -23.76 -5.76
N ALA A 13 -1.11 -24.06 -4.92
CA ALA A 13 -1.46 -25.41 -4.54
C ALA A 13 -2.83 -25.77 -5.13
N GLY A 14 -2.97 -27.02 -5.56
CA GLY A 14 -4.23 -27.43 -6.18
C GLY A 14 -5.39 -27.36 -5.22
N PHE A 15 -5.23 -27.93 -4.02
CA PHE A 15 -6.32 -27.96 -3.06
C PHE A 15 -6.71 -26.55 -2.59
N GLN A 16 -5.77 -25.62 -2.58
CA GLN A 16 -6.02 -24.29 -2.05
C GLN A 16 -6.55 -23.30 -3.07
N PHE A 17 -6.46 -23.62 -4.37
CA PHE A 17 -6.79 -22.67 -5.42
C PHE A 17 -7.85 -23.16 -6.40
N GLU A 18 -7.82 -24.45 -6.77
CA GLU A 18 -8.58 -24.93 -7.91
C GLU A 18 -10.08 -24.74 -7.73
N MET A 19 -10.64 -25.35 -6.69
CA MET A 19 -12.09 -25.40 -6.56
C MET A 19 -12.67 -24.02 -6.25
N GLY A 20 -13.97 -23.88 -6.52
CA GLY A 20 -14.67 -22.65 -6.23
C GLY A 20 -15.79 -22.36 -7.20
N VAL A 21 -15.62 -22.72 -8.47
CA VAL A 21 -16.59 -22.42 -9.52
C VAL A 21 -17.20 -23.71 -10.08
N SER A 22 -16.38 -24.61 -10.60
CA SER A 22 -16.89 -25.84 -11.19
C SER A 22 -15.89 -26.97 -10.93
N ASP A 23 -16.33 -28.20 -11.26
CA ASP A 23 -15.50 -29.40 -11.20
C ASP A 23 -14.98 -29.66 -9.79
N ILE A 24 -15.91 -29.83 -8.86
CA ILE A 24 -15.55 -30.12 -7.48
C ILE A 24 -14.81 -31.45 -7.41
N ASP A 25 -13.71 -31.48 -6.67
CA ASP A 25 -12.92 -32.68 -6.43
C ASP A 25 -13.06 -33.03 -4.95
N THR A 26 -13.87 -34.05 -4.66
CA THR A 26 -14.09 -34.52 -3.30
C THR A 26 -13.21 -35.71 -2.94
N ASN A 27 -12.37 -36.17 -3.86
CA ASN A 27 -11.62 -37.42 -3.70
C ASN A 27 -10.29 -37.22 -3.01
N THR A 28 -10.19 -36.31 -2.04
CA THR A 28 -8.96 -36.12 -1.27
C THR A 28 -9.23 -36.35 0.20
N ASP A 29 -8.19 -36.80 0.90
CA ASP A 29 -8.28 -36.93 2.35
C ASP A 29 -8.47 -35.57 3.01
N TRP A 30 -7.88 -34.51 2.45
CA TRP A 30 -8.02 -33.19 3.04
C TRP A 30 -9.43 -32.64 2.87
N TYR A 31 -10.12 -33.00 1.78
CA TYR A 31 -11.49 -32.56 1.60
C TYR A 31 -12.38 -33.06 2.74
N LYS A 32 -12.32 -34.37 3.02
CA LYS A 32 -13.09 -34.92 4.12
C LYS A 32 -12.57 -34.41 5.46
N TRP A 33 -11.26 -34.22 5.59
CA TRP A 33 -10.71 -33.61 6.81
C TRP A 33 -11.23 -32.19 7.00
N SER A 34 -11.46 -31.47 5.90
CA SER A 34 -12.01 -30.12 5.99
C SER A 34 -13.48 -30.13 6.39
N HIS A 35 -14.24 -31.14 5.96
CA HIS A 35 -15.68 -31.16 6.15
C HIS A 35 -16.11 -31.94 7.38
N ASP A 36 -15.20 -32.62 8.06
CA ASP A 36 -15.57 -33.44 9.22
C ASP A 36 -16.15 -32.57 10.33
N SER A 37 -17.33 -32.94 10.81
CA SER A 37 -18.03 -32.12 11.79
C SER A 37 -17.29 -32.10 13.13
N GLU A 38 -16.74 -33.24 13.55
CA GLU A 38 -16.01 -33.28 14.80
C GLU A 38 -14.75 -32.41 14.72
N ASN A 39 -14.08 -32.41 13.57
CA ASN A 39 -12.92 -31.55 13.40
C ASN A 39 -13.31 -30.07 13.42
N ILE A 40 -14.54 -29.75 13.02
CA ILE A 40 -14.97 -28.36 13.00
C ILE A 40 -15.22 -27.85 14.42
N LYS A 41 -15.99 -28.62 15.21
CA LYS A 41 -16.33 -28.19 16.56
C LYS A 41 -15.21 -28.43 17.56
N ASN A 42 -14.15 -29.14 17.18
CA ASN A 42 -12.95 -29.28 18.00
C ASN A 42 -11.84 -28.33 17.56
N HIS A 43 -12.11 -27.46 16.59
CA HIS A 43 -11.19 -26.43 16.13
C HIS A 43 -9.93 -27.01 15.50
N ILE A 44 -10.06 -28.16 14.83
CA ILE A 44 -8.98 -28.68 14.00
C ILE A 44 -9.00 -28.06 12.62
N VAL A 45 -10.18 -27.86 12.05
CA VAL A 45 -10.37 -27.13 10.80
C VAL A 45 -11.34 -25.99 11.05
N SER A 46 -11.29 -24.99 10.17
CA SER A 46 -12.10 -23.79 10.34
C SER A 46 -13.57 -24.07 10.09
N GLY A 47 -13.89 -25.04 9.23
CA GLY A 47 -15.24 -25.26 8.76
C GLY A 47 -15.54 -24.67 7.41
N ASP A 48 -14.64 -23.83 6.88
CA ASP A 48 -14.82 -23.28 5.54
C ASP A 48 -14.78 -24.39 4.49
N ARG A 49 -15.52 -24.19 3.41
CA ARG A 49 -15.61 -25.19 2.36
C ARG A 49 -14.61 -24.86 1.26
N PRO A 50 -13.64 -25.74 0.98
CA PRO A 50 -12.70 -25.45 -0.12
C PRO A 50 -13.36 -25.38 -1.48
N GLU A 51 -14.52 -26.02 -1.66
CA GLU A 51 -15.23 -25.94 -2.93
C GLU A 51 -15.89 -24.59 -3.15
N GLU A 52 -15.75 -23.66 -2.21
CA GLU A 52 -16.20 -22.28 -2.35
C GLU A 52 -15.01 -21.33 -2.42
N GLY A 53 -13.95 -21.76 -3.09
CA GLY A 53 -12.66 -21.08 -3.02
C GLY A 53 -12.39 -20.18 -4.20
N VAL A 54 -11.13 -20.19 -4.64
CA VAL A 54 -10.65 -19.19 -5.59
C VAL A 54 -11.25 -19.39 -6.97
N GLY A 55 -11.48 -20.65 -7.36
CA GLY A 55 -11.90 -20.94 -8.71
C GLY A 55 -10.78 -20.90 -9.73
N TYR A 56 -9.53 -21.06 -9.29
CA TYR A 56 -8.39 -21.05 -10.21
C TYR A 56 -8.51 -22.12 -11.29
N TRP A 57 -9.24 -23.20 -11.01
CA TRP A 57 -9.43 -24.25 -12.01
C TRP A 57 -10.06 -23.71 -13.29
N ASP A 58 -10.91 -22.70 -13.17
CA ASP A 58 -11.58 -22.10 -14.32
C ASP A 58 -11.14 -20.67 -14.63
N LEU A 59 -10.74 -19.90 -13.61
CA LEU A 59 -10.39 -18.50 -13.78
C LEU A 59 -8.88 -18.27 -13.93
N TYR A 60 -8.12 -19.32 -14.24
CA TYR A 60 -6.67 -19.18 -14.31
C TYR A 60 -6.18 -18.23 -15.39
N PRO A 61 -6.78 -18.12 -16.58
CA PRO A 61 -6.25 -17.15 -17.55
C PRO A 61 -6.44 -15.72 -17.11
N LYS A 62 -7.48 -15.42 -16.34
CA LYS A 62 -7.66 -14.06 -15.83
C LYS A 62 -6.76 -13.76 -14.66
N ASP A 63 -6.46 -14.77 -13.82
CA ASP A 63 -5.50 -14.57 -12.75
C ASP A 63 -4.07 -14.51 -13.28
N HIS A 64 -3.80 -15.20 -14.39
CA HIS A 64 -2.49 -15.08 -15.02
C HIS A 64 -2.30 -13.72 -15.67
N ASP A 65 -3.38 -13.12 -16.18
CA ASP A 65 -3.28 -11.77 -16.73
C ASP A 65 -2.90 -10.76 -15.66
N LEU A 66 -3.37 -10.96 -14.43
CA LEU A 66 -2.99 -10.06 -13.34
C LEU A 66 -1.54 -10.26 -12.96
N ALA A 67 -1.06 -11.50 -12.95
CA ALA A 67 0.36 -11.75 -12.74
C ALA A 67 1.19 -11.12 -13.85
N GLU A 68 0.70 -11.17 -15.09
CA GLU A 68 1.41 -10.55 -16.20
C GLU A 68 1.42 -9.03 -16.06
N TYR A 69 0.33 -8.46 -15.54
CA TYR A 69 0.28 -7.00 -15.40
C TYR A 69 1.27 -6.50 -14.36
N ILE A 70 1.61 -7.32 -13.37
CA ILE A 70 2.51 -6.89 -12.29
C ILE A 70 3.89 -7.43 -12.56
N GLY A 71 4.11 -7.83 -13.81
CA GLY A 71 5.41 -8.18 -14.34
C GLY A 71 5.95 -9.53 -13.95
N MET A 72 5.09 -10.44 -13.48
CA MET A 72 5.55 -11.77 -13.13
C MET A 72 5.93 -12.56 -14.38
N ASN A 73 6.90 -13.46 -14.22
CA ASN A 73 7.33 -14.31 -15.35
C ASN A 73 7.57 -15.75 -14.92
N ALA A 74 6.95 -16.21 -13.83
CA ALA A 74 7.16 -17.55 -13.33
C ALA A 74 5.91 -18.00 -12.58
N ALA A 75 5.76 -19.31 -12.46
CA ALA A 75 4.62 -19.88 -11.76
C ALA A 75 4.96 -21.29 -11.31
N ARG A 76 4.58 -21.62 -10.08
CA ARG A 76 4.69 -22.96 -9.54
C ARG A 76 3.27 -23.50 -9.35
N ILE A 77 2.90 -24.49 -10.14
CA ILE A 77 1.57 -25.07 -10.13
C ILE A 77 1.65 -26.50 -9.61
N GLY A 78 0.72 -26.85 -8.72
CA GLY A 78 0.67 -28.19 -8.17
C GLY A 78 -0.41 -29.01 -8.85
N ILE A 79 -0.05 -30.22 -9.24
CA ILE A 79 -0.99 -31.16 -9.86
C ILE A 79 -1.60 -32.03 -8.76
N GLU A 80 -2.91 -32.18 -8.78
CA GLU A 80 -3.60 -32.98 -7.78
C GLU A 80 -3.59 -34.45 -8.20
N TRP A 81 -3.09 -35.31 -7.31
CA TRP A 81 -3.10 -36.75 -7.57
C TRP A 81 -4.53 -37.28 -7.68
N SER A 82 -5.47 -36.65 -6.97
CA SER A 82 -6.85 -37.13 -6.96
C SER A 82 -7.53 -36.92 -8.29
N ARG A 83 -7.14 -35.89 -9.05
CA ARG A 83 -7.77 -35.64 -10.34
C ARG A 83 -7.18 -36.46 -11.47
N ILE A 84 -5.89 -36.77 -11.42
CA ILE A 84 -5.27 -37.54 -12.51
C ILE A 84 -5.66 -39.01 -12.41
N PHE A 85 -5.54 -39.59 -11.21
CA PHE A 85 -5.91 -40.98 -10.97
C PHE A 85 -6.97 -41.00 -9.87
N PRO A 86 -8.25 -40.80 -10.23
CA PRO A 86 -9.31 -40.84 -9.20
C PRO A 86 -9.57 -42.23 -8.67
N VAL A 87 -9.12 -43.28 -9.35
CA VAL A 87 -9.28 -44.65 -8.88
C VAL A 87 -7.90 -45.25 -8.65
N SER A 88 -7.86 -46.33 -7.89
CA SER A 88 -6.60 -46.91 -7.44
C SER A 88 -5.80 -47.48 -8.60
N THR A 89 -4.49 -47.27 -8.56
CA THR A 89 -3.56 -47.84 -9.52
C THR A 89 -2.82 -49.06 -8.98
N GLU A 90 -3.35 -49.66 -7.91
CA GLU A 90 -2.71 -50.84 -7.32
C GLU A 90 -2.72 -52.03 -8.28
N ARG A 91 -3.75 -52.13 -9.12
CA ARG A 91 -3.85 -53.24 -10.06
C ARG A 91 -2.72 -53.24 -11.08
N VAL A 92 -2.03 -52.11 -11.27
CA VAL A 92 -0.88 -52.04 -12.15
C VAL A 92 0.35 -52.39 -11.32
N THR A 93 0.86 -53.59 -11.51
CA THR A 93 2.02 -54.06 -10.77
C THR A 93 3.30 -53.63 -11.45
N VAL A 94 4.34 -53.40 -10.64
CA VAL A 94 5.64 -52.98 -11.13
C VAL A 94 6.72 -53.76 -10.38
N GLU A 95 7.91 -53.80 -10.98
CA GLU A 95 9.05 -54.46 -10.35
C GLU A 95 9.56 -53.62 -9.19
N VAL A 96 9.64 -54.21 -8.01
CA VAL A 96 10.03 -53.50 -6.78
C VAL A 96 11.15 -54.29 -6.11
N ILE A 97 12.34 -53.72 -6.09
CA ILE A 97 13.50 -54.32 -5.43
C ILE A 97 13.63 -53.71 -4.05
N GLU A 98 13.69 -54.55 -3.02
CA GLU A 98 13.83 -54.11 -1.65
C GLU A 98 14.90 -54.93 -0.95
N GLU A 99 15.22 -54.54 0.28
CA GLU A 99 16.13 -55.31 1.12
C GLU A 99 15.59 -55.38 2.54
N ASN A 100 16.29 -54.76 3.49
CA ASN A 100 15.87 -54.79 4.89
C ASN A 100 14.81 -53.74 5.18
N GLY A 101 13.94 -53.49 4.19
CA GLY A 101 12.88 -52.51 4.33
C GLY A 101 13.06 -51.28 3.47
N ASP A 102 14.26 -51.07 2.93
CA ASP A 102 14.55 -49.91 2.10
C ASP A 102 14.21 -50.24 0.65
N ILE A 103 13.24 -49.51 0.08
CA ILE A 103 12.87 -49.69 -1.32
C ILE A 103 13.99 -49.15 -2.19
N LEU A 104 14.80 -50.05 -2.77
CA LEU A 104 15.97 -49.65 -3.52
C LEU A 104 15.70 -49.40 -5.00
N GLU A 105 14.59 -49.93 -5.54
CA GLU A 105 14.34 -49.81 -6.97
C GLU A 105 12.87 -50.05 -7.25
N ILE A 106 12.27 -49.17 -8.05
CA ILE A 106 10.90 -49.32 -8.54
C ILE A 106 10.95 -49.08 -10.04
N LYS A 107 11.02 -50.16 -10.82
CA LYS A 107 11.21 -50.06 -12.26
C LYS A 107 9.89 -49.68 -12.93
N ILE A 108 9.77 -48.45 -13.38
CA ILE A 108 8.63 -47.97 -14.13
C ILE A 108 9.04 -47.91 -15.60
N THR A 109 8.50 -48.81 -16.41
CA THR A 109 8.79 -48.85 -17.83
C THR A 109 7.58 -48.33 -18.62
N GLU A 110 7.73 -48.33 -19.95
CA GLU A 110 6.69 -47.77 -20.80
C GLU A 110 5.46 -48.65 -20.90
N LYS A 111 5.58 -49.95 -20.61
CA LYS A 111 4.38 -50.78 -20.53
C LYS A 111 3.57 -50.47 -19.28
N THR A 112 4.18 -49.85 -18.27
CA THR A 112 3.42 -49.35 -17.13
C THR A 112 2.68 -48.06 -17.46
N ILE A 113 3.28 -47.21 -18.30
CA ILE A 113 2.67 -45.93 -18.65
C ILE A 113 1.36 -46.15 -19.38
N LYS A 114 1.37 -47.01 -20.41
CA LYS A 114 0.14 -47.30 -21.14
C LYS A 114 -0.85 -48.05 -20.28
N GLU A 115 -0.37 -48.80 -19.26
CA GLU A 115 -1.29 -49.40 -18.31
C GLU A 115 -1.93 -48.34 -17.43
N LEU A 116 -1.13 -47.37 -16.95
CA LEU A 116 -1.69 -46.24 -16.22
C LEU A 116 -2.49 -45.32 -17.13
N ASP A 117 -2.29 -45.40 -18.45
CA ASP A 117 -3.00 -44.54 -19.38
C ASP A 117 -4.50 -44.84 -19.39
N LEU A 118 -4.89 -46.09 -19.10
CA LEU A 118 -6.29 -46.47 -19.12
C LEU A 118 -7.04 -46.05 -17.85
N LEU A 119 -6.32 -45.87 -16.74
CA LEU A 119 -6.96 -45.46 -15.49
C LEU A 119 -6.92 -43.96 -15.25
N SER A 120 -6.15 -43.22 -16.04
CA SER A 120 -6.00 -41.79 -15.82
C SER A 120 -7.21 -41.03 -16.35
N ASP A 121 -7.48 -39.89 -15.72
CA ASP A 121 -8.55 -38.99 -16.17
C ASP A 121 -8.00 -38.16 -17.32
N LYS A 122 -8.35 -38.55 -18.55
CA LYS A 122 -7.81 -37.85 -19.72
C LYS A 122 -8.31 -36.42 -19.81
N ASN A 123 -9.48 -36.15 -19.21
CA ASN A 123 -9.98 -34.78 -19.20
C ASN A 123 -9.23 -33.92 -18.18
N ALA A 124 -8.88 -34.50 -17.03
CA ALA A 124 -8.07 -33.77 -16.06
C ALA A 124 -6.67 -33.52 -16.59
N MET A 125 -6.14 -34.43 -17.41
CA MET A 125 -4.83 -34.20 -18.02
C MET A 125 -4.89 -33.05 -19.02
N GLN A 126 -6.02 -32.92 -19.73
CA GLN A 126 -6.15 -31.83 -20.71
C GLN A 126 -6.33 -30.49 -20.01
N HIS A 127 -6.97 -30.47 -18.85
CA HIS A 127 -7.16 -29.21 -18.14
C HIS A 127 -5.84 -28.68 -17.60
N TYR A 128 -5.04 -29.55 -16.98
CA TYR A 128 -3.72 -29.13 -16.51
C TYR A 128 -2.83 -28.73 -17.68
N THR A 129 -2.94 -29.43 -18.80
CA THR A 129 -2.19 -29.06 -19.99
C THR A 129 -2.56 -27.65 -20.45
N ASN A 130 -3.85 -27.30 -20.38
CA ASN A 130 -4.28 -25.96 -20.79
C ASN A 130 -3.78 -24.91 -19.81
N ILE A 131 -3.71 -25.25 -18.52
CA ILE A 131 -3.16 -24.32 -17.54
C ILE A 131 -1.67 -24.12 -17.78
N PHE A 132 -0.93 -25.21 -18.01
CA PHE A 132 0.50 -25.10 -18.24
C PHE A 132 0.79 -24.39 -19.56
N ASN A 133 -0.02 -24.64 -20.59
CA ASN A 133 0.17 -23.94 -21.85
C ASN A 133 -0.11 -22.45 -21.71
N ASP A 134 -1.10 -22.10 -20.88
CA ASP A 134 -1.37 -20.69 -20.62
C ASP A 134 -0.19 -20.00 -19.93
N ILE A 135 0.65 -20.77 -19.24
CA ILE A 135 1.82 -20.18 -18.59
C ILE A 135 2.98 -20.08 -19.57
N LYS A 136 3.22 -21.14 -20.33
CA LYS A 136 4.40 -21.18 -21.19
C LYS A 136 4.22 -20.34 -22.45
N LYS A 137 2.98 -20.14 -22.89
CA LYS A 137 2.76 -19.30 -24.08
C LYS A 137 3.09 -17.85 -23.82
N ARG A 138 3.14 -17.43 -22.55
CA ARG A 138 3.60 -16.10 -22.18
C ARG A 138 5.11 -16.05 -21.97
N GLY A 139 5.81 -17.13 -22.28
CA GLY A 139 7.25 -17.19 -22.07
C GLY A 139 7.67 -17.29 -20.62
N TRP A 140 6.82 -17.83 -19.76
CA TRP A 140 7.07 -17.86 -18.34
C TRP A 140 7.75 -19.17 -17.91
N PHE A 141 8.32 -19.13 -16.72
CA PHE A 141 8.94 -20.30 -16.11
C PHE A 141 7.87 -21.14 -15.42
N LEU A 142 7.90 -22.45 -15.67
CA LEU A 142 6.91 -23.37 -15.13
C LEU A 142 7.59 -24.38 -14.22
N VAL A 143 7.02 -24.57 -13.03
CA VAL A 143 7.50 -25.56 -12.07
C VAL A 143 6.29 -26.38 -11.63
N ILE A 144 6.30 -27.67 -11.95
CA ILE A 144 5.21 -28.57 -11.58
C ILE A 144 5.52 -29.20 -10.24
N ASN A 145 4.55 -29.18 -9.33
CA ASN A 145 4.65 -29.85 -8.03
C ASN A 145 3.66 -31.01 -8.00
N LEU A 146 4.17 -32.22 -7.72
CA LEU A 146 3.33 -33.41 -7.80
C LEU A 146 2.44 -33.57 -6.58
N PHE A 147 2.98 -33.34 -5.38
CA PHE A 147 2.27 -33.61 -4.14
C PHE A 147 2.25 -32.36 -3.28
N HIS A 148 1.04 -31.96 -2.86
CA HIS A 148 0.85 -30.80 -2.00
C HIS A 148 -0.19 -31.13 -0.93
N TRP A 149 0.14 -32.15 -0.12
CA TRP A 149 -0.56 -32.54 1.10
C TRP A 149 -1.82 -33.36 0.82
N SER A 150 -2.66 -32.89 -0.10
CA SER A 150 -3.90 -33.60 -0.39
C SER A 150 -3.63 -34.90 -1.13
N LEU A 151 -4.17 -36.00 -0.61
CA LEU A 151 -3.96 -37.33 -1.16
C LEU A 151 -5.27 -37.95 -1.61
N PRO A 152 -5.26 -38.76 -2.67
CA PRO A 152 -6.47 -39.48 -3.07
C PRO A 152 -7.01 -40.36 -1.95
N LEU A 153 -8.33 -40.53 -1.93
CA LEU A 153 -8.97 -41.26 -0.85
C LEU A 153 -8.55 -42.73 -0.82
N TRP A 154 -8.27 -43.33 -1.98
CA TRP A 154 -7.84 -44.73 -1.99
C TRP A 154 -6.41 -44.88 -1.48
N ILE A 155 -5.64 -43.79 -1.42
CA ILE A 155 -4.34 -43.83 -0.75
C ILE A 155 -4.51 -43.68 0.76
N ASN A 156 -5.26 -42.66 1.18
CA ASN A 156 -5.50 -42.39 2.59
C ASN A 156 -6.93 -41.93 2.77
N ASP A 157 -7.63 -42.56 3.70
CA ASP A 157 -9.00 -42.18 4.05
C ASP A 157 -9.05 -41.87 5.54
N PRO A 158 -9.20 -40.60 5.94
CA PRO A 158 -9.31 -40.32 7.38
C PRO A 158 -10.47 -41.04 8.04
N SER A 159 -11.63 -41.10 7.37
CA SER A 159 -12.67 -42.02 7.79
C SER A 159 -12.16 -43.46 7.64
N ASN A 160 -12.61 -44.33 8.54
CA ASN A 160 -12.06 -45.69 8.71
C ASN A 160 -10.62 -45.63 9.19
N ASN A 167 -5.56 -40.58 15.14
CA ASN A 167 -6.52 -39.50 15.27
C ASN A 167 -6.06 -38.25 14.50
N ALA A 168 -5.03 -38.42 13.67
CA ALA A 168 -4.54 -37.36 12.81
C ALA A 168 -5.05 -37.59 11.38
N LEU A 169 -4.63 -36.72 10.47
CA LEU A 169 -5.04 -36.85 9.08
C LEU A 169 -4.55 -38.15 8.47
N GLY A 170 -3.36 -38.60 8.86
CA GLY A 170 -2.84 -39.87 8.39
C GLY A 170 -2.31 -39.85 6.98
N ASN A 171 -2.04 -38.68 6.42
CA ASN A 171 -1.50 -38.58 5.06
C ASN A 171 0.01 -38.77 5.02
N CYS A 172 0.55 -39.64 5.86
CA CYS A 172 1.96 -40.00 5.81
C CYS A 172 2.22 -40.89 4.59
N MET A 173 3.47 -41.31 4.45
CA MET A 173 3.86 -42.24 3.41
C MET A 173 4.21 -43.59 4.03
N ASN A 174 3.75 -44.65 3.40
CA ASN A 174 4.17 -46.00 3.72
C ASN A 174 4.70 -46.66 2.44
N ARG A 175 4.95 -47.96 2.49
CA ARG A 175 5.51 -48.64 1.33
C ARG A 175 4.53 -48.64 0.16
N SER A 176 3.27 -48.98 0.42
CA SER A 176 2.30 -49.01 -0.66
C SER A 176 2.02 -47.63 -1.23
N SER A 177 2.08 -46.58 -0.39
CA SER A 177 1.89 -45.22 -0.91
C SER A 177 3.04 -44.79 -1.80
N VAL A 178 4.25 -45.28 -1.53
CA VAL A 178 5.41 -44.90 -2.33
C VAL A 178 5.33 -45.54 -3.71
N ILE A 179 4.96 -46.82 -3.79
CA ILE A 179 4.90 -47.51 -5.07
C ILE A 179 3.88 -46.85 -5.98
N GLU A 180 2.71 -46.51 -5.44
CA GLU A 180 1.69 -45.83 -6.25
C GLU A 180 2.13 -44.42 -6.64
N PHE A 181 2.84 -43.73 -5.75
CA PHE A 181 3.26 -42.35 -6.03
C PHE A 181 4.27 -42.31 -7.18
N VAL A 182 5.20 -43.27 -7.21
CA VAL A 182 6.19 -43.29 -8.29
C VAL A 182 5.52 -43.57 -9.63
N LYS A 183 4.43 -44.34 -9.63
CA LYS A 183 3.66 -44.52 -10.86
C LYS A 183 3.07 -43.20 -11.32
N TYR A 184 2.46 -42.44 -10.41
CA TYR A 184 1.89 -41.16 -10.75
C TYR A 184 2.96 -40.12 -11.05
N ALA A 185 4.13 -40.26 -10.43
CA ALA A 185 5.23 -39.32 -10.68
C ALA A 185 5.81 -39.54 -12.07
N ALA A 186 6.05 -40.80 -12.44
CA ALA A 186 6.54 -41.09 -13.78
C ALA A 186 5.49 -40.75 -14.84
N TYR A 187 4.21 -40.87 -14.49
CA TYR A 187 3.16 -40.54 -15.44
C TYR A 187 3.17 -39.06 -15.79
N ILE A 188 3.40 -38.20 -14.78
CA ILE A 188 3.40 -36.76 -15.02
C ILE A 188 4.61 -36.36 -15.87
N SER A 189 5.76 -36.97 -15.60
CA SER A 189 6.96 -36.65 -16.38
C SER A 189 6.89 -37.20 -17.79
N TYR A 190 6.03 -38.20 -18.04
CA TYR A 190 5.90 -38.73 -19.38
C TYR A 190 5.19 -37.74 -20.30
N TYR A 191 4.16 -37.05 -19.81
CA TYR A 191 3.35 -36.16 -20.63
C TYR A 191 3.74 -34.69 -20.48
N PHE A 192 4.41 -34.31 -19.40
CA PHE A 192 4.81 -32.93 -19.17
C PHE A 192 6.33 -32.77 -19.02
N GLY A 193 7.10 -33.80 -19.38
CA GLY A 193 8.54 -33.70 -19.27
C GLY A 193 9.17 -32.67 -20.20
N SER A 194 8.47 -32.29 -21.26
CA SER A 194 8.95 -31.28 -22.19
C SER A 194 8.29 -29.93 -21.98
N ILE A 195 7.32 -29.84 -21.07
CA ILE A 195 6.63 -28.59 -20.78
C ILE A 195 7.15 -27.97 -19.48
N ALA A 196 7.26 -28.77 -18.42
CA ALA A 196 7.73 -28.26 -17.14
C ALA A 196 9.22 -27.91 -17.23
N ASP A 197 9.56 -26.67 -16.87
CA ASP A 197 10.96 -26.26 -16.87
C ASP A 197 11.72 -26.93 -15.73
N ARG A 198 11.05 -27.12 -14.58
CA ARG A 198 11.61 -27.84 -13.45
C ARG A 198 10.49 -28.60 -12.77
N PHE A 199 10.86 -29.70 -12.12
CA PHE A 199 9.90 -30.55 -11.42
C PHE A 199 10.17 -30.51 -9.92
N ALA A 200 9.09 -30.53 -9.14
CA ALA A 200 9.17 -30.68 -7.69
C ALA A 200 8.28 -31.85 -7.31
N THR A 201 8.86 -32.85 -6.63
CA THR A 201 8.10 -34.06 -6.32
C THR A 201 7.09 -33.82 -5.21
N MET A 202 7.42 -32.94 -4.25
CA MET A 202 6.57 -32.74 -3.08
C MET A 202 6.78 -31.33 -2.55
N ASN A 203 5.74 -30.77 -1.96
CA ASN A 203 5.80 -29.45 -1.34
C ASN A 203 5.73 -29.61 0.17
N GLU A 204 6.76 -29.13 0.86
CA GLU A 204 6.84 -29.19 2.32
C GLU A 204 6.51 -30.56 2.89
N PRO A 205 7.29 -31.60 2.54
CA PRO A 205 7.04 -32.92 3.13
C PRO A 205 7.36 -32.96 4.61
N ASN A 206 8.26 -32.10 5.10
CA ASN A 206 8.55 -32.07 6.52
C ASN A 206 7.34 -31.63 7.33
N GLU A 207 6.48 -30.78 6.75
CA GLU A 207 5.24 -30.42 7.42
C GLU A 207 4.28 -31.59 7.45
N VAL A 208 4.37 -32.50 6.49
CA VAL A 208 3.45 -33.63 6.41
C VAL A 208 3.80 -34.67 7.48
N PHE A 209 5.02 -35.22 7.43
CA PHE A 209 5.32 -36.26 8.41
C PHE A 209 5.56 -35.72 9.81
N LYS A 210 5.38 -34.42 10.03
CA LYS A 210 5.34 -33.86 11.38
C LYS A 210 3.93 -33.83 11.95
N THR A 211 2.94 -33.60 11.10
CA THR A 211 1.55 -33.46 11.55
C THR A 211 0.66 -34.64 11.18
N CYS A 212 1.10 -35.52 10.27
CA CYS A 212 0.24 -36.58 9.77
C CYS A 212 -0.02 -37.67 10.81
N SER A 213 0.68 -37.67 11.92
CA SER A 213 0.50 -38.69 12.94
C SER A 213 0.54 -38.05 14.32
N GLU A 214 -0.16 -38.67 15.27
CA GLU A 214 -0.13 -38.23 16.66
C GLU A 214 1.21 -38.52 17.32
N ASP A 215 2.08 -39.31 16.69
CA ASP A 215 3.36 -39.70 17.26
C ASP A 215 4.38 -38.60 16.94
N LYS A 216 4.64 -37.74 17.92
CA LYS A 216 5.59 -36.65 17.76
C LYS A 216 7.00 -37.01 18.20
N ARG A 217 7.24 -38.29 18.53
CA ARG A 217 8.57 -38.71 18.95
C ARG A 217 9.56 -38.57 17.80
N VAL A 218 10.81 -38.29 18.15
CA VAL A 218 11.84 -38.04 17.15
C VAL A 218 12.06 -39.28 16.30
N GLU A 219 12.07 -40.45 16.93
CA GLU A 219 12.32 -41.70 16.21
C GLU A 219 11.28 -41.95 15.13
N SER A 220 10.00 -41.97 15.52
CA SER A 220 8.93 -42.21 14.56
C SER A 220 8.84 -41.08 13.55
N TYR A 221 9.22 -39.86 13.94
CA TYR A 221 9.27 -38.75 13.00
C TYR A 221 10.24 -39.03 11.85
N HIS A 222 11.32 -39.76 12.13
CA HIS A 222 12.36 -39.96 11.12
C HIS A 222 12.12 -41.19 10.24
N ILE A 223 11.45 -42.22 10.75
CA ILE A 223 11.06 -43.31 9.86
C ILE A 223 9.91 -42.86 8.97
N ARG A 224 9.05 -41.97 9.46
CA ARG A 224 8.07 -41.32 8.60
C ARG A 224 8.77 -40.50 7.53
N MET A 225 9.77 -39.70 7.92
CA MET A 225 10.57 -38.99 6.93
C MET A 225 11.25 -39.95 5.95
N LYS A 226 11.64 -41.13 6.44
CA LYS A 226 12.30 -42.10 5.57
C LYS A 226 11.40 -42.51 4.40
N TRP A 227 10.12 -42.73 4.66
CA TRP A 227 9.21 -43.10 3.59
C TRP A 227 9.10 -41.98 2.55
N PHE A 228 9.14 -40.73 3.01
CA PHE A 228 9.14 -39.61 2.08
C PHE A 228 10.47 -39.49 1.35
N VAL A 229 11.56 -39.88 2.00
CA VAL A 229 12.87 -39.86 1.36
C VAL A 229 12.87 -40.78 0.14
N GLU A 230 12.39 -42.01 0.31
CA GLU A 230 12.31 -42.93 -0.81
C GLU A 230 11.25 -42.51 -1.81
N ALA A 231 10.22 -41.79 -1.35
CA ALA A 231 9.16 -41.34 -2.25
C ALA A 231 9.72 -40.45 -3.36
N HIS A 232 10.71 -39.62 -3.05
CA HIS A 232 11.34 -38.79 -4.05
C HIS A 232 12.46 -39.52 -4.80
N ALA A 233 13.25 -40.32 -4.09
CA ALA A 233 14.38 -41.00 -4.73
C ALA A 233 13.90 -41.97 -5.78
N ARG A 234 12.87 -42.77 -5.47
CA ARG A 234 12.35 -43.70 -6.47
C ARG A 234 11.57 -42.96 -7.55
N SER A 235 10.92 -41.85 -7.20
CA SER A 235 10.27 -41.03 -8.21
C SER A 235 11.28 -40.48 -9.20
N TYR A 236 12.20 -39.64 -8.70
CA TYR A 236 13.29 -39.04 -9.48
C TYR A 236 13.84 -39.99 -10.53
N ASP A 237 14.05 -41.25 -10.15
CA ASP A 237 14.53 -42.25 -11.11
C ASP A 237 13.52 -42.45 -12.24
N ALA A 238 12.25 -42.64 -11.89
CA ALA A 238 11.23 -42.89 -12.90
C ALA A 238 10.97 -41.65 -13.74
N MET A 239 10.96 -40.46 -13.12
CA MET A 239 10.74 -39.23 -13.87
C MET A 239 11.88 -38.96 -14.83
N LYS A 240 13.12 -39.13 -14.39
CA LYS A 240 14.28 -38.85 -15.24
C LYS A 240 14.32 -39.76 -16.47
N GLN A 241 13.55 -40.84 -16.47
CA GLN A 241 13.45 -41.68 -17.66
C GLN A 241 12.76 -40.94 -18.80
N PHE A 242 11.91 -39.95 -18.48
CA PHE A 242 11.12 -39.25 -19.49
C PHE A 242 11.38 -37.76 -19.55
N THR A 243 12.11 -37.17 -18.60
CA THR A 243 12.40 -35.76 -18.61
C THR A 243 13.89 -35.53 -18.40
N ASN A 244 14.38 -34.41 -18.95
CA ASN A 244 15.75 -33.98 -18.79
C ASN A 244 15.88 -32.80 -17.83
N ARG A 245 14.82 -32.48 -17.09
CA ARG A 245 14.73 -31.24 -16.35
C ARG A 245 15.05 -31.48 -14.88
N GLN A 246 15.45 -30.39 -14.22
CA GLN A 246 15.87 -30.46 -12.82
C GLN A 246 14.69 -30.86 -11.94
N ILE A 247 14.89 -31.90 -11.13
CA ILE A 247 13.88 -32.41 -10.22
C ILE A 247 14.39 -32.21 -8.79
N GLY A 248 13.59 -31.56 -7.96
CA GLY A 248 13.97 -31.31 -6.59
C GLY A 248 12.83 -31.40 -5.60
N VAL A 249 12.99 -30.78 -4.44
CA VAL A 249 12.02 -30.82 -3.36
C VAL A 249 11.78 -29.41 -2.87
N ILE A 250 10.51 -29.02 -2.79
CA ILE A 250 10.12 -27.78 -2.12
C ILE A 250 9.96 -28.09 -0.64
N TYR A 251 10.66 -27.34 0.20
CA TYR A 251 10.77 -27.66 1.61
C TYR A 251 10.29 -26.50 2.47
N ALA A 252 9.60 -26.83 3.57
CA ALA A 252 9.24 -25.84 4.57
C ALA A 252 10.47 -25.50 5.41
N ASN A 253 10.71 -24.21 5.60
CA ASN A 253 11.90 -23.78 6.33
C ASN A 253 11.59 -22.57 7.19
N GLY A 254 12.26 -22.51 8.33
CA GLY A 254 12.29 -21.30 9.13
C GLY A 254 13.71 -21.06 9.59
N ASP A 255 14.03 -19.79 9.80
CA ASP A 255 15.37 -19.42 10.27
C ASP A 255 15.52 -19.92 11.70
N VAL A 256 16.16 -21.08 11.86
CA VAL A 256 16.30 -21.68 13.18
C VAL A 256 17.31 -20.90 14.00
N GLN A 257 16.93 -20.53 15.21
CA GLN A 257 17.78 -19.76 16.12
C GLN A 257 17.56 -20.25 17.54
N SER A 258 18.63 -20.22 18.33
CA SER A 258 18.51 -20.54 19.74
C SER A 258 17.91 -19.36 20.51
N PHE A 259 17.47 -19.63 21.73
CA PHE A 259 16.96 -18.57 22.60
C PHE A 259 18.12 -17.66 22.95
N GLU A 260 18.22 -16.54 22.23
CA GLU A 260 19.25 -15.51 22.43
C GLU A 260 20.64 -15.99 22.01
N ASN A 261 20.72 -16.93 21.07
CA ASN A 261 21.98 -17.42 20.50
C ASN A 261 22.90 -18.02 21.55
N LYS A 262 22.35 -18.50 22.67
CA LYS A 262 23.16 -19.13 23.70
C LYS A 262 23.44 -20.59 23.41
N ASP A 263 22.63 -21.23 22.56
CA ASP A 263 22.72 -22.67 22.29
C ASP A 263 22.84 -22.88 20.79
N PRO A 264 24.02 -22.61 20.21
CA PRO A 264 24.17 -22.83 18.77
C PRO A 264 24.17 -24.30 18.39
N LYS A 265 24.56 -25.18 19.30
CA LYS A 265 24.51 -26.61 19.01
C LYS A 265 23.07 -27.09 18.87
N LEU A 266 22.17 -26.57 19.71
CA LEU A 266 20.76 -26.93 19.58
C LEU A 266 20.19 -26.45 18.24
N LYS A 267 20.67 -25.30 17.74
CA LYS A 267 20.22 -24.83 16.43
C LYS A 267 20.59 -25.83 15.34
N GLU A 268 21.86 -26.24 15.31
CA GLU A 268 22.27 -27.25 14.33
C GLU A 268 21.63 -28.60 14.60
N GLU A 269 21.28 -28.87 15.86
CA GLU A 269 20.53 -30.08 16.19
C GLU A 269 19.17 -30.07 15.51
N VAL A 270 18.45 -28.96 15.65
CA VAL A 270 17.12 -28.84 15.08
C VAL A 270 17.20 -28.91 13.55
N GLU A 271 18.16 -28.19 12.96
CA GLU A 271 18.25 -28.14 11.51
C GLU A 271 18.58 -29.49 10.92
N TYR A 272 19.29 -30.35 11.66
CA TYR A 272 19.58 -31.67 11.13
C TYR A 272 18.41 -32.63 11.32
N GLU A 273 17.71 -32.52 12.45
CA GLU A 273 16.57 -33.42 12.69
C GLU A 273 15.43 -33.14 11.72
N GLN A 274 15.19 -31.86 11.41
CA GLN A 274 14.01 -31.48 10.64
C GLN A 274 14.26 -31.37 9.14
N ARG A 275 15.51 -31.16 8.71
CA ARG A 275 15.73 -30.82 7.31
C ARG A 275 17.00 -31.46 6.74
N TYR A 276 18.13 -31.31 7.43
CA TYR A 276 19.39 -31.74 6.83
C TYR A 276 19.57 -33.26 6.87
N SER A 277 18.84 -33.96 7.74
CA SER A 277 18.77 -35.42 7.61
C SER A 277 18.12 -35.79 6.29
N PHE A 278 17.04 -35.11 5.93
CA PHE A 278 16.36 -35.34 4.65
C PHE A 278 17.30 -35.10 3.48
N PHE A 279 17.89 -33.90 3.41
CA PHE A 279 18.67 -33.55 2.23
C PHE A 279 20.03 -34.23 2.19
N ASP A 280 20.55 -34.69 3.33
CA ASP A 280 21.79 -35.46 3.27
C ASP A 280 21.55 -36.88 2.79
N ALA A 281 20.32 -37.38 2.92
CA ALA A 281 20.00 -38.70 2.38
C ALA A 281 19.76 -38.63 0.88
N LEU A 282 19.03 -37.61 0.43
CA LEU A 282 18.62 -37.50 -0.97
C LEU A 282 19.74 -36.96 -1.86
N ILE A 283 20.73 -36.29 -1.29
CA ILE A 283 21.89 -35.82 -2.05
C ILE A 283 23.12 -36.71 -1.84
N HIS A 284 23.29 -37.36 -0.68
CA HIS A 284 24.54 -38.06 -0.37
C HIS A 284 24.31 -39.51 0.06
N GLY A 285 23.17 -39.76 0.70
CA GLY A 285 22.80 -41.08 1.15
C GLY A 285 22.94 -41.28 2.64
N ASP A 286 23.36 -40.27 3.39
CA ASP A 286 23.48 -40.37 4.84
C ASP A 286 22.12 -40.63 5.47
N VAL A 287 21.88 -41.87 5.90
CA VAL A 287 20.67 -42.22 6.62
C VAL A 287 20.98 -42.73 8.02
N HIS A 288 22.12 -42.32 8.58
CA HIS A 288 22.47 -42.73 9.94
C HIS A 288 21.41 -42.31 10.94
N TRP A 289 20.71 -41.21 10.68
CA TRP A 289 19.56 -40.83 11.51
C TRP A 289 18.48 -41.91 11.46
N TYR A 290 18.14 -42.35 10.25
CA TYR A 290 17.10 -43.36 10.07
C TYR A 290 17.51 -44.67 10.75
N VAL A 291 18.78 -45.06 10.63
CA VAL A 291 19.24 -46.26 11.32
C VAL A 291 19.32 -46.01 12.82
N GLY A 292 19.82 -44.85 13.23
CA GLY A 292 19.86 -44.53 14.65
C GLY A 292 18.48 -44.59 15.29
N ALA A 293 17.47 -44.08 14.60
CA ALA A 293 16.09 -44.22 15.07
C ALA A 293 15.68 -45.69 15.09
N CYS A 294 15.82 -46.39 13.95
CA CYS A 294 15.40 -47.78 13.81
C CYS A 294 15.90 -48.74 14.87
N ARG A 295 16.94 -48.34 15.61
CA ARG A 295 17.43 -49.21 16.67
C ARG A 295 16.49 -49.19 17.87
N LYS A 296 16.26 -48.00 18.44
CA LYS A 296 15.41 -47.88 19.61
C LYS A 296 13.96 -48.25 19.32
N THR A 297 13.61 -48.50 18.06
CA THR A 297 12.28 -48.93 17.70
C THR A 297 12.14 -50.45 17.59
N ASN A 298 13.26 -51.16 17.43
CA ASN A 298 13.27 -52.58 17.08
C ASN A 298 12.63 -52.82 15.71
N HIS A 299 12.79 -51.85 14.81
CA HIS A 299 12.30 -51.92 13.44
C HIS A 299 13.50 -52.10 12.52
N VAL A 300 13.32 -52.92 11.48
CA VAL A 300 14.45 -53.34 10.66
C VAL A 300 15.01 -52.16 9.88
N HIS A 301 16.34 -52.08 9.81
CA HIS A 301 17.04 -51.03 9.09
C HIS A 301 17.95 -51.63 8.04
N GLY A 302 18.35 -50.80 7.08
CA GLY A 302 19.19 -51.25 5.98
C GLY A 302 20.55 -50.60 5.93
N LYS A 303 21.02 -50.29 4.73
CA LYS A 303 22.32 -49.66 4.56
C LYS A 303 22.32 -48.25 5.13
N SER A 304 23.41 -47.87 5.79
CA SER A 304 23.52 -46.52 6.33
C SER A 304 23.90 -45.48 5.28
N ILE A 305 24.40 -45.92 4.12
CA ILE A 305 24.74 -45.04 3.01
C ILE A 305 24.21 -45.73 1.76
N ARG A 306 23.11 -45.20 1.23
CA ARG A 306 22.40 -45.86 0.13
C ARG A 306 22.52 -45.04 -1.14
N PRO A 307 23.23 -45.54 -2.16
CA PRO A 307 23.25 -44.86 -3.46
C PRO A 307 21.95 -44.94 -4.25
N ASP A 308 20.90 -45.58 -3.73
CA ASP A 308 19.58 -45.42 -4.34
C ASP A 308 19.00 -44.06 -4.01
N LEU A 309 19.34 -43.52 -2.84
CA LEU A 309 18.81 -42.23 -2.41
C LEU A 309 19.66 -41.07 -2.88
N SER A 310 20.94 -41.31 -3.16
CA SER A 310 21.92 -40.23 -3.27
C SER A 310 21.87 -39.55 -4.63
N ASN A 311 22.36 -38.30 -4.66
CA ASN A 311 22.41 -37.48 -5.87
C ASN A 311 21.05 -37.36 -6.54
N ARG A 312 20.00 -37.22 -5.73
CA ARG A 312 18.63 -37.17 -6.21
C ARG A 312 17.98 -35.80 -5.98
N ILE A 313 18.79 -34.74 -6.05
CA ILE A 313 18.31 -33.36 -5.87
C ILE A 313 19.05 -32.49 -6.88
N ASP A 314 18.33 -31.95 -7.85
CA ASP A 314 18.91 -31.03 -8.81
C ASP A 314 18.73 -29.57 -8.40
N TRP A 315 17.70 -29.28 -7.63
CA TRP A 315 17.45 -27.94 -7.13
C TRP A 315 16.63 -28.04 -5.86
N ILE A 316 16.64 -26.97 -5.07
CA ILE A 316 15.97 -26.93 -3.78
C ILE A 316 14.98 -25.77 -3.78
N GLY A 317 13.72 -26.08 -3.49
CA GLY A 317 12.72 -25.04 -3.35
C GLY A 317 12.61 -24.58 -1.92
N VAL A 318 13.10 -23.39 -1.62
CA VAL A 318 13.14 -22.87 -0.28
C VAL A 318 11.86 -22.08 0.00
N ASN A 319 11.18 -22.45 1.07
CA ASN A 319 10.02 -21.70 1.57
C ASN A 319 10.43 -20.99 2.86
N TYR A 320 10.08 -19.71 2.97
CA TYR A 320 10.41 -18.94 4.14
C TYR A 320 9.31 -17.93 4.43
N TYR A 321 8.91 -17.84 5.69
CA TYR A 321 7.91 -16.89 6.17
C TYR A 321 8.35 -16.17 7.44
N SER A 322 9.03 -16.86 8.35
CA SER A 322 9.47 -16.29 9.61
C SER A 322 10.62 -17.14 10.13
N ARG A 323 11.21 -16.72 11.25
CA ARG A 323 12.25 -17.51 11.89
C ARG A 323 11.63 -18.55 12.82
N ASN A 324 12.49 -19.31 13.51
CA ASN A 324 12.03 -20.35 14.41
C ASN A 324 13.01 -20.41 15.57
N VAL A 325 12.65 -19.75 16.67
CA VAL A 325 13.50 -19.71 17.86
C VAL A 325 13.16 -20.90 18.74
N VAL A 326 14.18 -21.62 19.20
CA VAL A 326 14.00 -22.86 19.93
C VAL A 326 14.83 -22.82 21.21
N LYS A 327 14.36 -23.54 22.22
CA LYS A 327 15.04 -23.66 23.49
C LYS A 327 15.10 -25.12 23.89
N ARG A 328 16.24 -25.52 24.45
CA ARG A 328 16.40 -26.92 24.89
C ARG A 328 15.50 -27.13 26.12
N LYS A 329 14.76 -28.22 26.13
CA LYS A 329 13.96 -28.54 27.32
C LYS A 329 14.65 -29.72 27.99
N GLU A 330 13.96 -30.85 28.06
CA GLU A 330 14.61 -32.08 28.60
C GLU A 330 14.88 -33.02 27.43
N ASP A 331 16.15 -33.19 27.07
CA ASP A 331 16.54 -34.06 25.93
C ASP A 331 15.64 -33.71 24.74
N GLY A 332 15.25 -32.44 24.64
CA GLY A 332 14.36 -32.02 23.54
C GLY A 332 14.38 -30.53 23.32
N TYR A 333 13.53 -30.03 22.42
CA TYR A 333 13.47 -28.63 22.10
C TYR A 333 12.02 -28.15 22.01
N GLU A 334 11.85 -26.84 22.17
CA GLU A 334 10.54 -26.21 22.15
C GLU A 334 10.61 -24.92 21.36
N ASN A 335 9.61 -24.69 20.50
CA ASN A 335 9.52 -23.41 19.81
C ASN A 335 9.10 -22.34 20.80
N VAL A 336 9.91 -21.29 20.93
CA VAL A 336 9.64 -20.24 21.90
C VAL A 336 8.42 -19.44 21.46
N ARG A 337 7.38 -19.45 22.29
CA ARG A 337 6.15 -18.73 21.98
C ARG A 337 6.35 -17.24 22.18
N GLY A 338 5.88 -16.45 21.22
CA GLY A 338 6.10 -15.02 21.21
C GLY A 338 7.10 -14.55 20.18
N LEU A 339 7.73 -15.46 19.43
CA LEU A 339 8.70 -15.10 18.42
C LEU A 339 8.63 -16.12 17.29
N GLY A 340 8.88 -15.64 16.07
CA GLY A 340 8.89 -16.55 14.93
C GLY A 340 7.49 -17.00 14.55
N TYR A 341 7.38 -18.27 14.15
CA TYR A 341 6.09 -18.84 13.78
C TYR A 341 5.15 -18.96 14.97
N ASP A 342 5.68 -19.02 16.18
CA ASP A 342 4.87 -19.15 17.39
C ASP A 342 4.67 -17.82 18.10
N THR A 343 4.64 -16.72 17.34
CA THR A 343 4.48 -15.40 17.96
C THR A 343 3.05 -15.17 18.44
N GLY A 344 2.07 -15.65 17.68
CA GLY A 344 0.67 -15.39 17.98
C GLY A 344 0.14 -16.06 19.23
N TRP A 345 0.97 -16.17 20.26
CA TRP A 345 0.55 -16.71 21.55
C TRP A 345 0.73 -15.72 22.71
N VAL A 346 1.69 -14.80 22.62
CA VAL A 346 1.82 -13.76 23.61
C VAL A 346 1.26 -12.44 23.10
N SER A 347 1.19 -12.25 21.79
CA SER A 347 0.68 -11.02 21.20
C SER A 347 0.50 -11.24 19.71
N TYR A 348 -0.54 -10.61 19.15
CA TYR A 348 -0.79 -10.66 17.71
C TYR A 348 -0.35 -9.38 17.00
N GLU A 349 0.23 -8.43 17.72
CA GLU A 349 0.64 -7.16 17.15
C GLU A 349 2.13 -6.91 17.18
N LYS A 350 2.85 -7.43 18.18
CA LYS A 350 4.29 -7.26 18.27
C LYS A 350 4.91 -8.51 18.88
N SER A 351 6.11 -8.84 18.44
CA SER A 351 6.83 -9.99 18.97
C SER A 351 7.61 -9.57 20.21
N LEU A 352 8.27 -10.55 20.84
CA LEU A 352 9.10 -10.25 22.01
C LEU A 352 10.30 -9.40 21.63
N ASP A 353 10.83 -9.60 20.41
CA ASP A 353 11.84 -8.72 19.83
C ASP A 353 11.25 -7.38 19.40
N GLY A 354 9.94 -7.19 19.55
CA GLY A 354 9.32 -5.94 19.17
C GLY A 354 9.25 -5.76 17.66
N ARG A 355 8.85 -6.80 16.95
CA ARG A 355 8.68 -6.76 15.51
C ARG A 355 7.25 -7.14 15.16
N SER A 356 6.77 -6.65 14.02
CA SER A 356 5.39 -6.84 13.62
C SER A 356 5.10 -8.32 13.35
N VAL A 357 3.83 -8.68 13.53
CA VAL A 357 3.38 -10.06 13.38
C VAL A 357 2.36 -10.13 12.25
N SER A 358 2.36 -11.25 11.54
CA SER A 358 1.38 -11.47 10.49
C SER A 358 0.01 -11.78 11.09
N GLU A 359 -1.02 -11.72 10.24
CA GLU A 359 -2.36 -12.03 10.68
C GLU A 359 -2.58 -13.51 10.96
N THR A 360 -1.53 -14.32 10.85
CA THR A 360 -1.59 -15.73 11.21
C THR A 360 -0.61 -16.07 12.35
N GLY A 361 0.04 -15.07 12.92
CA GLY A 361 0.87 -15.26 14.09
C GLY A 361 2.34 -15.42 13.85
N TRP A 362 2.82 -15.10 12.65
CA TRP A 362 4.22 -15.26 12.28
C TRP A 362 4.89 -13.89 12.23
N GLU A 363 5.93 -13.69 13.03
CA GLU A 363 6.58 -12.39 13.09
C GLU A 363 7.35 -12.12 11.79
N ILE A 364 7.45 -10.84 11.44
CA ILE A 364 8.13 -10.41 10.23
C ILE A 364 9.62 -10.30 10.55
N TYR A 365 10.43 -11.18 9.98
CA TYR A 365 11.87 -11.22 10.18
C TYR A 365 12.54 -11.34 8.82
N PRO A 366 12.69 -10.22 8.10
CA PRO A 366 13.26 -10.29 6.74
C PRO A 366 14.70 -10.78 6.69
N GLU A 367 15.47 -10.63 7.77
CA GLU A 367 16.86 -11.12 7.76
C GLU A 367 16.93 -12.64 7.66
N GLY A 368 15.85 -13.34 7.97
CA GLY A 368 15.86 -14.79 7.94
C GLY A 368 15.86 -15.38 6.54
N ILE A 369 15.39 -14.62 5.54
CA ILE A 369 15.42 -15.14 4.18
C ILE A 369 16.84 -15.13 3.65
N TYR A 370 17.70 -14.25 4.16
CA TYR A 370 19.12 -14.35 3.86
C TYR A 370 19.76 -15.49 4.65
N ASN A 371 19.34 -15.68 5.90
CA ASN A 371 19.95 -16.71 6.74
C ASN A 371 19.61 -18.11 6.24
N ILE A 372 18.35 -18.34 5.87
CA ILE A 372 17.95 -19.69 5.46
C ILE A 372 18.54 -20.03 4.09
N VAL A 373 18.66 -19.04 3.20
CA VAL A 373 19.25 -19.29 1.90
C VAL A 373 20.74 -19.56 2.04
N MET A 374 21.40 -18.83 2.93
CA MET A 374 22.84 -19.00 3.13
C MET A 374 23.16 -20.38 3.71
N SER A 375 22.38 -20.82 4.70
CA SER A 375 22.61 -22.13 5.30
C SER A 375 22.43 -23.24 4.27
N TYR A 376 21.42 -23.12 3.41
CA TYR A 376 21.21 -24.11 2.36
C TYR A 376 22.35 -24.09 1.34
N HIS A 377 22.81 -22.90 0.97
CA HIS A 377 23.88 -22.81 -0.01
C HIS A 377 25.22 -23.25 0.57
N LYS A 378 25.51 -22.86 1.81
CA LYS A 378 26.80 -23.19 2.42
C LYS A 378 26.95 -24.67 2.71
N ARG A 379 25.89 -25.46 2.58
CA ARG A 379 25.95 -26.89 2.85
C ARG A 379 25.99 -27.73 1.57
N TYR A 380 25.36 -27.27 0.49
CA TYR A 380 25.20 -28.12 -0.69
C TYR A 380 25.61 -27.46 -2.00
N GLU A 381 25.32 -26.15 -2.17
CA GLU A 381 25.74 -25.38 -3.34
C GLU A 381 25.07 -25.88 -4.63
N LEU A 382 23.73 -25.93 -4.63
CA LEU A 382 22.99 -26.26 -5.84
C LEU A 382 22.10 -25.10 -6.26
N PRO A 383 21.57 -25.10 -7.49
CA PRO A 383 20.56 -24.12 -7.85
C PRO A 383 19.39 -24.17 -6.88
N MET A 384 18.89 -23.00 -6.50
CA MET A 384 17.83 -22.90 -5.52
C MET A 384 16.76 -21.95 -6.02
N MET A 385 15.73 -21.78 -5.21
CA MET A 385 14.56 -20.98 -5.58
C MET A 385 13.75 -20.69 -4.32
N ILE A 386 13.31 -19.44 -4.16
CA ILE A 386 12.36 -19.12 -3.10
C ILE A 386 10.98 -19.49 -3.63
N THR A 387 10.49 -20.68 -3.28
CA THR A 387 9.23 -21.17 -3.80
C THR A 387 8.02 -20.62 -3.05
N GLU A 388 8.20 -20.10 -1.84
CA GLU A 388 7.12 -19.50 -1.08
C GLU A 388 7.67 -18.40 -0.19
N ASN A 389 7.05 -17.24 -0.23
CA ASN A 389 7.39 -16.13 0.67
C ASN A 389 6.25 -15.12 0.64
N GLY A 390 5.76 -14.75 1.83
CA GLY A 390 4.63 -13.86 1.91
C GLY A 390 4.14 -13.76 3.34
N MET A 391 2.95 -13.18 3.48
CA MET A 391 2.36 -12.98 4.79
C MET A 391 0.85 -12.86 4.66
N ALA A 392 0.16 -13.21 5.75
CA ALA A 392 -1.28 -12.99 5.85
C ALA A 392 -1.52 -11.53 6.22
N ASP A 393 -2.16 -10.78 5.31
CA ASP A 393 -2.30 -9.33 5.48
C ASP A 393 -3.42 -8.87 4.54
N ASP A 394 -4.65 -8.81 5.08
CA ASP A 394 -5.81 -8.51 4.25
C ASP A 394 -5.80 -7.05 3.80
N ASN A 395 -5.65 -6.12 4.74
CA ASN A 395 -5.68 -4.69 4.47
C ASN A 395 -4.38 -4.16 3.89
N ASP A 396 -3.42 -5.05 3.60
CA ASP A 396 -2.13 -4.64 3.02
C ASP A 396 -1.40 -3.66 3.93
N ARG A 397 -1.48 -3.90 5.24
CA ARG A 397 -0.81 -3.03 6.20
C ARG A 397 0.71 -3.24 6.17
N PHE A 398 1.16 -4.49 6.11
CA PHE A 398 2.58 -4.80 6.22
C PHE A 398 3.18 -5.41 4.97
N ARG A 399 2.37 -6.01 4.09
CA ARG A 399 2.93 -6.71 2.94
C ARG A 399 3.81 -5.83 2.04
N PRO A 400 3.50 -4.55 1.79
CA PRO A 400 4.44 -3.74 0.99
C PRO A 400 5.84 -3.68 1.59
N ARG A 401 5.94 -3.45 2.90
CA ARG A 401 7.25 -3.45 3.54
C ARG A 401 7.80 -4.86 3.67
N TYR A 402 6.92 -5.86 3.78
CA TYR A 402 7.37 -7.25 3.84
C TYR A 402 8.04 -7.67 2.53
N LEU A 403 7.40 -7.35 1.41
CA LEU A 403 7.92 -7.80 0.12
C LEU A 403 9.26 -7.15 -0.21
N VAL A 404 9.40 -5.86 0.07
CA VAL A 404 10.63 -5.16 -0.29
C VAL A 404 11.78 -5.61 0.63
N SER A 405 11.52 -5.69 1.93
CA SER A 405 12.59 -6.02 2.88
C SER A 405 13.11 -7.45 2.64
N HIS A 406 12.21 -8.38 2.34
CA HIS A 406 12.64 -9.76 2.10
C HIS A 406 13.40 -9.88 0.78
N LEU A 407 12.95 -9.14 -0.24
CA LEU A 407 13.61 -9.22 -1.54
C LEU A 407 15.01 -8.62 -1.52
N LYS A 408 15.26 -7.64 -0.65
CA LYS A 408 16.61 -7.10 -0.55
C LYS A 408 17.52 -7.97 0.29
N ASN A 409 16.97 -8.66 1.30
CA ASN A 409 17.76 -9.65 2.02
C ASN A 409 18.07 -10.85 1.14
N LEU A 410 17.18 -11.17 0.22
CA LEU A 410 17.47 -12.22 -0.76
C LEU A 410 18.49 -11.74 -1.78
N GLU A 411 18.38 -10.49 -2.23
CA GLU A 411 19.38 -9.94 -3.14
C GLU A 411 20.76 -9.93 -2.50
N ARG A 412 20.83 -9.66 -1.19
CA ARG A 412 22.08 -9.79 -0.46
C ARG A 412 22.59 -11.22 -0.49
N ALA A 413 21.68 -12.19 -0.64
CA ALA A 413 22.09 -13.58 -0.71
C ALA A 413 22.60 -13.96 -2.09
N ILE A 414 21.98 -13.42 -3.15
CA ILE A 414 22.49 -13.68 -4.50
C ILE A 414 23.91 -13.15 -4.65
N ASN A 415 24.16 -11.95 -4.13
CA ASN A 415 25.48 -11.33 -4.25
C ASN A 415 26.53 -12.12 -3.49
N ASP A 416 26.14 -12.80 -2.42
CA ASP A 416 27.07 -13.58 -1.61
C ASP A 416 27.31 -14.98 -2.15
N GLY A 417 26.79 -15.30 -3.33
CA GLY A 417 27.09 -16.57 -3.99
C GLY A 417 25.92 -17.52 -4.13
N ALA A 418 24.77 -17.27 -3.50
CA ALA A 418 23.65 -18.21 -3.57
C ALA A 418 23.13 -18.34 -5.00
N LYS A 419 23.01 -19.57 -5.48
CA LYS A 419 22.55 -19.83 -6.85
C LYS A 419 21.03 -19.89 -6.89
N VAL A 420 20.41 -18.79 -6.47
CA VAL A 420 18.96 -18.63 -6.48
C VAL A 420 18.59 -17.83 -7.72
N ASP A 421 17.79 -18.44 -8.60
CA ASP A 421 17.41 -17.82 -9.86
C ASP A 421 15.92 -17.54 -9.95
N GLY A 422 15.20 -17.54 -8.82
CA GLY A 422 13.77 -17.34 -8.85
C GLY A 422 13.20 -17.01 -7.50
N TYR A 423 12.15 -16.19 -7.50
CA TYR A 423 11.42 -15.82 -6.30
C TYR A 423 9.93 -16.02 -6.60
N LEU A 424 9.31 -16.98 -5.92
CA LEU A 424 7.90 -17.28 -6.11
C LEU A 424 7.15 -16.85 -4.86
N HIS A 425 6.46 -15.71 -4.95
CA HIS A 425 5.72 -15.18 -3.83
C HIS A 425 4.50 -16.06 -3.56
N TRP A 426 4.20 -16.26 -2.27
CA TRP A 426 2.94 -16.94 -1.87
C TRP A 426 2.02 -15.87 -1.27
N ALA A 427 1.11 -15.29 -2.05
CA ALA A 427 0.71 -15.85 -3.36
C ALA A 427 0.12 -14.75 -4.24
N LEU A 428 -0.25 -15.08 -5.46
CA LEU A 428 -0.85 -14.08 -6.37
C LEU A 428 -2.21 -13.70 -5.81
N THR A 429 -2.98 -14.68 -5.34
CA THR A 429 -4.34 -14.41 -4.84
C THR A 429 -4.51 -15.08 -3.48
N ASP A 430 -5.47 -14.61 -2.70
CA ASP A 430 -5.75 -15.32 -1.44
C ASP A 430 -6.20 -16.74 -1.75
N ASN A 431 -6.26 -17.58 -0.72
CA ASN A 431 -6.58 -18.98 -0.94
C ASN A 431 -6.96 -19.65 0.37
N PHE A 432 -7.26 -20.94 0.28
CA PHE A 432 -7.65 -21.77 1.42
C PHE A 432 -6.41 -22.14 2.21
N GLU A 433 -6.24 -21.52 3.39
CA GLU A 433 -5.10 -21.83 4.26
C GLU A 433 -5.45 -23.01 5.18
N TRP A 434 -5.72 -24.15 4.53
CA TRP A 434 -5.88 -25.44 5.18
C TRP A 434 -6.81 -25.37 6.39
N GLY A 435 -6.29 -25.68 7.58
CA GLY A 435 -7.13 -25.74 8.77
C GLY A 435 -7.70 -24.40 9.18
N SER A 436 -7.11 -23.29 8.73
CA SER A 436 -7.58 -21.96 9.09
C SER A 436 -8.54 -21.36 8.07
N GLY A 437 -8.76 -22.05 6.94
CA GLY A 437 -9.74 -21.59 5.97
C GLY A 437 -9.30 -20.35 5.22
N PHE A 438 -10.29 -19.60 4.75
CA PHE A 438 -10.04 -18.39 3.97
C PHE A 438 -9.77 -17.17 4.82
N SER A 439 -9.74 -17.30 6.15
CA SER A 439 -9.51 -16.14 7.00
C SER A 439 -8.09 -15.60 6.83
N LYS A 440 -7.15 -16.45 6.44
CA LYS A 440 -5.76 -16.05 6.27
C LYS A 440 -5.54 -15.72 4.79
N LYS A 441 -5.32 -14.43 4.50
CA LYS A 441 -5.23 -13.93 3.13
C LYS A 441 -3.79 -13.57 2.82
N PHE A 442 -3.14 -14.40 2.01
CA PHE A 442 -1.73 -14.24 1.66
C PHE A 442 -1.52 -13.57 0.31
N GLY A 443 -2.60 -13.24 -0.41
CA GLY A 443 -2.45 -12.85 -1.80
C GLY A 443 -1.95 -11.43 -1.99
N LEU A 444 -1.20 -11.24 -3.08
CA LEU A 444 -0.91 -9.90 -3.56
C LEU A 444 -2.16 -9.25 -4.13
N ILE A 445 -3.15 -10.05 -4.51
CA ILE A 445 -4.47 -9.56 -4.84
C ILE A 445 -5.48 -10.26 -3.93
N LYS A 446 -6.54 -9.53 -3.59
CA LYS A 446 -7.53 -10.04 -2.66
C LYS A 446 -8.71 -10.62 -3.44
N VAL A 447 -9.26 -11.71 -2.93
CA VAL A 447 -10.36 -12.44 -3.57
C VAL A 447 -11.60 -12.28 -2.70
N ASP A 448 -12.70 -11.83 -3.32
CA ASP A 448 -14.02 -11.84 -2.69
C ASP A 448 -14.64 -13.20 -2.98
N TYR A 449 -14.66 -14.07 -1.96
CA TYR A 449 -15.12 -15.43 -2.20
C TYR A 449 -16.61 -15.53 -2.48
N LYS A 450 -17.37 -14.47 -2.21
CA LYS A 450 -18.80 -14.48 -2.56
C LYS A 450 -19.00 -14.22 -4.04
N THR A 451 -18.26 -13.28 -4.61
CA THR A 451 -18.39 -12.90 -6.01
C THR A 451 -17.26 -13.40 -6.90
N LYS A 452 -16.20 -13.97 -6.32
CA LYS A 452 -15.02 -14.45 -7.04
C LYS A 452 -14.28 -13.33 -7.77
N LYS A 453 -14.46 -12.08 -7.34
CA LYS A 453 -13.80 -10.97 -7.99
C LYS A 453 -12.37 -10.80 -7.48
N ARG A 454 -11.49 -10.37 -8.38
CA ARG A 454 -10.09 -10.15 -8.07
C ARG A 454 -9.86 -8.67 -7.79
N TYR A 455 -9.11 -8.37 -6.72
CA TYR A 455 -8.78 -6.99 -6.35
C TYR A 455 -7.28 -6.88 -6.14
N LEU A 456 -6.64 -6.00 -6.90
CA LEU A 456 -5.21 -5.76 -6.72
C LEU A 456 -4.94 -5.05 -5.39
N ARG A 457 -4.03 -5.62 -4.58
CA ARG A 457 -3.60 -4.88 -3.40
C ARG A 457 -2.43 -3.98 -3.76
N PRO A 458 -2.22 -2.88 -3.03
CA PRO A 458 -1.09 -2.00 -3.35
C PRO A 458 0.26 -2.71 -3.37
N SER A 459 0.45 -3.73 -2.53
CA SER A 459 1.69 -4.49 -2.56
C SER A 459 1.92 -5.19 -3.90
N ALA A 460 0.85 -5.46 -4.65
CA ALA A 460 1.01 -6.04 -5.97
C ALA A 460 1.60 -5.05 -6.96
N LEU A 461 1.31 -3.76 -6.78
CA LEU A 461 1.93 -2.74 -7.62
C LEU A 461 3.40 -2.56 -7.28
N ILE A 462 3.78 -2.80 -6.02
CA ILE A 462 5.19 -2.82 -5.66
C ILE A 462 5.92 -3.92 -6.41
N MET A 463 5.28 -5.09 -6.56
CA MET A 463 5.85 -6.14 -7.38
C MET A 463 5.97 -5.70 -8.84
N LYS A 464 5.00 -4.92 -9.33
CA LYS A 464 5.06 -4.42 -10.69
C LYS A 464 6.25 -3.48 -10.89
N GLU A 465 6.60 -2.72 -9.85
CA GLU A 465 7.74 -1.82 -9.95
C GLU A 465 9.06 -2.57 -9.86
N ILE A 466 9.13 -3.59 -9.00
CA ILE A 466 10.36 -4.36 -8.86
C ILE A 466 10.63 -5.20 -10.10
N THR A 467 9.59 -5.84 -10.65
CA THR A 467 9.77 -6.63 -11.86
C THR A 467 10.18 -5.76 -13.03
N LYS A 468 9.70 -4.51 -13.09
CA LYS A 468 10.04 -3.63 -14.21
C LYS A 468 11.52 -3.25 -14.18
N HIS A 469 12.07 -3.04 -12.99
CA HIS A 469 13.46 -2.64 -12.84
C HIS A 469 14.39 -3.81 -12.53
N ASN A 470 13.87 -5.03 -12.41
CA ASN A 470 14.66 -6.21 -12.07
C ASN A 470 15.42 -5.99 -10.77
N GLY A 471 14.74 -5.39 -9.80
CA GLY A 471 15.37 -5.05 -8.53
C GLY A 471 14.60 -3.94 -7.84
N ILE A 472 15.14 -3.52 -6.70
CA ILE A 472 14.52 -2.51 -5.87
C ILE A 472 15.14 -1.16 -6.23
N PRO A 473 14.40 -0.25 -6.85
CA PRO A 473 14.94 1.10 -7.09
C PRO A 473 15.11 1.85 -5.79
N GLU A 474 15.89 2.93 -5.85
CA GLU A 474 16.21 3.70 -4.66
C GLU A 474 14.96 4.27 -4.00
N GLU A 475 13.96 4.66 -4.80
CA GLU A 475 12.75 5.24 -4.25
C GLU A 475 11.91 4.26 -3.46
N LEU A 476 12.22 2.97 -3.51
CA LEU A 476 11.52 1.96 -2.75
C LEU A 476 12.33 1.43 -1.58
N GLU A 477 13.46 2.07 -1.26
CA GLU A 477 14.36 1.52 -0.25
C GLU A 477 13.81 1.72 1.17
N TRP A 478 12.94 2.72 1.36
CA TRP A 478 12.37 2.93 2.68
C TRP A 478 11.49 1.76 3.10
N LEU A 479 10.83 1.12 2.14
CA LEU A 479 10.03 -0.07 2.45
C LEU A 479 10.89 -1.28 2.78
N GLY A 480 12.16 -1.26 2.36
CA GLY A 480 13.07 -2.37 2.58
C GLY A 480 13.67 -2.47 3.96
N GLU A 481 13.35 -1.55 4.86
CA GLU A 481 13.87 -1.61 6.22
C GLU A 481 13.49 -2.93 6.88
N ASP A 482 14.47 -3.59 7.49
CA ASP A 482 14.26 -4.93 8.02
C ASP A 482 13.27 -4.94 9.17
N LYS A 483 13.45 -4.04 10.14
CA LYS A 483 12.65 -4.04 11.36
C LYS A 483 11.52 -3.03 11.23
N PHE A 484 10.28 -3.51 11.41
CA PHE A 484 9.10 -2.66 11.47
C PHE A 484 7.95 -3.40 12.13
N MET B 1 -15.78 6.70 -14.87
CA MET B 1 -14.69 7.36 -15.59
C MET B 1 -14.76 8.88 -15.43
N PHE B 2 -13.60 9.48 -15.18
CA PHE B 2 -13.50 10.91 -14.98
C PHE B 2 -13.60 11.64 -16.33
N PRO B 3 -13.98 12.92 -16.31
CA PRO B 3 -14.08 13.67 -17.57
C PRO B 3 -12.75 13.65 -18.33
N LYS B 4 -12.86 13.84 -19.64
CA LYS B 4 -11.68 13.80 -20.50
C LYS B 4 -10.69 14.89 -20.09
N ASN B 5 -9.41 14.52 -20.04
CA ASN B 5 -8.34 15.42 -19.64
C ASN B 5 -8.55 15.97 -18.23
N PHE B 6 -9.13 15.14 -17.36
CA PHE B 6 -9.28 15.51 -15.96
C PHE B 6 -7.91 15.75 -15.34
N LYS B 7 -7.84 16.72 -14.45
CA LYS B 7 -6.58 17.15 -13.86
C LYS B 7 -6.28 16.32 -12.61
N PHE B 8 -5.17 15.59 -12.64
CA PHE B 8 -4.65 14.85 -11.49
C PHE B 8 -3.29 15.44 -11.14
N GLY B 9 -3.16 15.95 -9.93
CA GLY B 9 -1.92 16.57 -9.54
C GLY B 9 -1.80 16.80 -8.06
N PHE B 10 -0.92 17.72 -7.69
CA PHE B 10 -0.59 18.00 -6.31
C PHE B 10 -0.71 19.49 -6.03
N SER B 11 -0.86 19.83 -4.75
CA SER B 11 -0.87 21.20 -4.29
C SER B 11 0.35 21.47 -3.42
N GLU B 12 0.87 22.69 -3.52
CA GLU B 12 2.11 23.08 -2.86
C GLU B 12 1.97 24.46 -2.26
N ALA B 13 2.68 24.69 -1.15
CA ALA B 13 2.79 25.99 -0.51
C ALA B 13 4.27 26.38 -0.42
N GLY B 14 4.53 27.68 -0.53
CA GLY B 14 5.91 28.14 -0.51
C GLY B 14 6.60 27.91 0.82
N PHE B 15 5.96 28.36 1.90
CA PHE B 15 6.58 28.25 3.22
C PHE B 15 6.77 26.80 3.64
N GLN B 16 5.94 25.89 3.13
CA GLN B 16 5.99 24.50 3.56
C GLN B 16 6.90 23.63 2.69
N PHE B 17 7.39 24.13 1.56
CA PHE B 17 8.14 23.31 0.63
C PHE B 17 9.48 23.91 0.23
N GLU B 18 9.57 25.23 0.10
CA GLU B 18 10.71 25.85 -0.57
C GLU B 18 12.01 25.65 0.21
N MET B 19 12.03 26.07 1.47
CA MET B 19 13.29 26.15 2.20
C MET B 19 13.79 24.77 2.61
N GLY B 20 15.10 24.62 2.67
CA GLY B 20 15.71 23.38 3.10
C GLY B 20 17.04 23.11 2.43
N VAL B 21 17.35 23.86 1.37
CA VAL B 21 18.59 23.68 0.63
C VAL B 21 19.32 25.01 0.52
N SER B 22 18.65 26.02 -0.02
CA SER B 22 19.27 27.32 -0.24
C SER B 22 18.22 28.41 -0.17
N ASP B 23 18.70 29.66 -0.21
CA ASP B 23 17.85 30.85 -0.31
C ASP B 23 16.82 30.90 0.82
N ILE B 24 17.35 30.91 2.05
CA ILE B 24 16.49 31.01 3.24
C ILE B 24 15.75 32.34 3.22
N ASP B 25 14.44 32.28 3.45
CA ASP B 25 13.60 33.47 3.52
C ASP B 25 13.16 33.66 4.97
N THR B 26 13.72 34.66 5.64
CA THR B 26 13.35 35.00 7.01
C THR B 26 12.40 36.20 7.05
N ASN B 27 11.96 36.69 5.89
CA ASN B 27 11.17 37.91 5.79
C ASN B 27 9.68 37.64 5.85
N THR B 28 9.24 36.63 6.58
CA THR B 28 7.82 36.34 6.75
C THR B 28 7.45 36.37 8.22
N ASP B 29 6.18 36.66 8.49
CA ASP B 29 5.68 36.60 9.86
C ASP B 29 5.65 35.16 10.37
N TRP B 30 5.50 34.18 9.47
CA TRP B 30 5.45 32.79 9.88
C TRP B 30 6.82 32.24 10.27
N TYR B 31 7.89 32.75 9.65
CA TYR B 31 9.23 32.34 10.05
C TYR B 31 9.48 32.68 11.52
N LYS B 32 9.25 33.93 11.90
CA LYS B 32 9.41 34.31 13.30
C LYS B 32 8.39 33.60 14.18
N TRP B 33 7.20 33.32 13.66
CA TRP B 33 6.18 32.65 14.45
C TRP B 33 6.61 31.24 14.83
N SER B 34 7.21 30.50 13.89
CA SER B 34 7.64 29.14 14.16
C SER B 34 8.94 29.06 14.94
N HIS B 35 9.59 30.19 15.20
CA HIS B 35 10.84 30.21 15.96
C HIS B 35 10.70 30.85 17.34
N ASP B 36 9.57 31.50 17.63
CA ASP B 36 9.40 32.19 18.89
C ASP B 36 9.50 31.22 20.06
N SER B 37 10.27 31.62 21.08
CA SER B 37 10.53 30.71 22.21
C SER B 37 9.26 30.40 22.97
N GLU B 38 8.46 31.42 23.27
CA GLU B 38 7.22 31.19 24.02
C GLU B 38 6.23 30.37 23.21
N ASN B 39 6.29 30.44 21.88
CA ASN B 39 5.40 29.63 21.06
C ASN B 39 5.77 28.15 21.11
N ILE B 40 7.05 27.84 21.27
CA ILE B 40 7.49 26.45 21.28
C ILE B 40 7.15 25.78 22.61
N LYS B 41 7.28 26.50 23.72
CA LYS B 41 7.04 25.91 25.02
C LYS B 41 5.56 25.85 25.37
N ASN B 42 4.72 26.64 24.73
CA ASN B 42 3.27 26.53 24.87
C ASN B 42 2.65 25.61 23.83
N HIS B 43 3.48 24.88 23.08
CA HIS B 43 3.05 23.96 22.03
C HIS B 43 2.22 24.65 20.95
N ILE B 44 2.41 25.96 20.77
CA ILE B 44 1.79 26.66 19.65
C ILE B 44 2.44 26.24 18.35
N VAL B 45 3.77 26.12 18.35
CA VAL B 45 4.52 25.60 17.21
C VAL B 45 5.44 24.49 17.72
N SER B 46 5.80 23.58 16.82
CA SER B 46 6.62 22.45 17.22
C SER B 46 8.04 22.86 17.55
N GLY B 47 8.57 23.88 16.87
CA GLY B 47 9.95 24.27 17.02
C GLY B 47 10.86 23.81 15.90
N ASP B 48 10.34 23.05 14.95
CA ASP B 48 11.13 22.63 13.80
C ASP B 48 11.52 23.84 12.96
N ARG B 49 12.74 23.81 12.43
CA ARG B 49 13.26 24.91 11.62
C ARG B 49 12.75 24.79 10.19
N PRO B 50 11.89 25.70 9.74
CA PRO B 50 11.39 25.61 8.36
C PRO B 50 12.48 25.78 7.31
N GLU B 51 13.64 26.32 7.67
CA GLU B 51 14.74 26.45 6.73
C GLU B 51 15.48 25.14 6.48
N GLU B 52 15.06 24.05 7.12
CA GLU B 52 15.64 22.73 6.92
C GLU B 52 14.57 21.75 6.45
N GLY B 53 13.71 22.19 5.55
CA GLY B 53 12.54 21.45 5.13
C GLY B 53 12.72 20.72 3.82
N VAL B 54 11.69 20.77 2.98
CA VAL B 54 11.60 19.92 1.80
C VAL B 54 12.69 20.26 0.80
N GLY B 55 13.06 21.54 0.69
CA GLY B 55 14.00 21.94 -0.33
C GLY B 55 13.43 21.97 -1.73
N TYR B 56 12.10 22.09 -1.85
CA TYR B 56 11.45 22.12 -3.15
C TYR B 56 11.92 23.29 -4.00
N TRP B 57 12.43 24.35 -3.38
CA TRP B 57 12.98 25.48 -4.12
C TRP B 57 14.09 25.02 -5.06
N ASP B 58 14.95 24.11 -4.61
CA ASP B 58 16.06 23.63 -5.43
C ASP B 58 15.79 22.27 -6.05
N LEU B 59 14.94 21.44 -5.44
CA LEU B 59 14.70 20.08 -5.91
C LEU B 59 13.38 19.93 -6.65
N TYR B 60 12.86 21.02 -7.21
CA TYR B 60 11.57 20.94 -7.90
C TYR B 60 11.60 20.08 -9.17
N PRO B 61 12.65 20.10 -10.00
CA PRO B 61 12.60 19.24 -11.20
C PRO B 61 12.64 17.76 -10.87
N LYS B 62 13.25 17.40 -9.73
CA LYS B 62 13.25 16.00 -9.30
C LYS B 62 11.89 15.59 -8.73
N ASP B 63 11.27 16.48 -7.95
CA ASP B 63 9.94 16.17 -7.42
C ASP B 63 8.90 16.13 -8.52
N HIS B 64 9.03 17.01 -9.52
CA HIS B 64 8.11 16.96 -10.66
C HIS B 64 8.30 15.69 -11.49
N ASP B 65 9.53 15.17 -11.52
CA ASP B 65 9.77 13.90 -12.22
C ASP B 65 9.00 12.77 -11.56
N LEU B 66 8.93 12.77 -10.23
CA LEU B 66 8.17 11.74 -9.53
C LEU B 66 6.68 11.87 -9.80
N ALA B 67 6.16 13.10 -9.74
CA ALA B 67 4.76 13.34 -10.09
C ALA B 67 4.48 12.89 -11.51
N GLU B 68 5.41 13.16 -12.44
CA GLU B 68 5.25 12.69 -13.81
C GLU B 68 5.25 11.17 -13.87
N TYR B 69 6.01 10.51 -13.01
CA TYR B 69 6.06 9.06 -13.02
C TYR B 69 4.74 8.44 -12.60
N ILE B 70 3.99 9.11 -11.71
CA ILE B 70 2.73 8.55 -11.22
C ILE B 70 1.59 9.18 -12.01
N GLY B 71 1.94 9.73 -13.17
CA GLY B 71 0.98 10.15 -14.15
C GLY B 71 0.24 11.43 -13.86
N MET B 72 0.77 12.27 -12.98
CA MET B 72 0.13 13.55 -12.68
C MET B 72 0.28 14.50 -13.86
N ASN B 73 -0.76 15.30 -14.11
CA ASN B 73 -0.78 16.23 -15.24
C ASN B 73 -1.16 17.64 -14.82
N ALA B 74 -1.10 17.95 -13.53
CA ALA B 74 -1.47 19.26 -13.03
C ALA B 74 -0.65 19.57 -11.79
N ALA B 75 -0.62 20.85 -11.44
CA ALA B 75 0.08 21.27 -10.23
C ALA B 75 -0.42 22.66 -9.84
N ARG B 76 -0.46 22.90 -8.54
CA ARG B 76 -0.79 24.20 -7.98
C ARG B 76 0.37 24.66 -7.11
N ILE B 77 0.98 25.78 -7.49
CA ILE B 77 2.18 26.29 -6.82
C ILE B 77 1.84 27.61 -6.14
N GLY B 78 2.42 27.83 -4.97
CA GLY B 78 2.19 29.03 -4.20
C GLY B 78 3.41 29.94 -4.26
N ILE B 79 3.16 31.20 -4.62
CA ILE B 79 4.21 32.21 -4.69
C ILE B 79 4.27 32.95 -3.36
N GLU B 80 5.47 33.07 -2.80
CA GLU B 80 5.65 33.77 -1.54
C GLU B 80 5.73 35.27 -1.77
N TRP B 81 4.87 36.02 -1.08
CA TRP B 81 4.83 37.47 -1.22
C TRP B 81 6.16 38.10 -0.77
N SER B 82 6.79 37.53 0.25
CA SER B 82 8.04 38.07 0.77
C SER B 82 9.18 37.93 -0.23
N ARG B 83 9.11 36.92 -1.12
CA ARG B 83 10.20 36.73 -2.07
C ARG B 83 10.09 37.67 -3.26
N ILE B 84 8.88 38.03 -3.66
CA ILE B 84 8.70 38.95 -4.79
C ILE B 84 9.03 40.37 -4.37
N PHE B 85 8.49 40.80 -3.23
CA PHE B 85 8.70 42.15 -2.70
C PHE B 85 9.21 42.04 -1.27
N PRO B 86 10.50 41.77 -1.08
CA PRO B 86 11.04 41.74 0.29
C PRO B 86 10.97 43.09 0.98
N VAL B 87 11.02 44.19 0.24
CA VAL B 87 10.88 45.52 0.82
C VAL B 87 9.48 46.04 0.52
N SER B 88 9.05 47.02 1.30
CA SER B 88 7.67 47.50 1.25
C SER B 88 7.36 48.16 -0.09
N THR B 89 6.12 47.98 -0.54
CA THR B 89 5.61 48.59 -1.76
C THR B 89 4.71 49.78 -1.48
N GLU B 90 4.61 50.22 -0.23
CA GLU B 90 3.75 51.35 0.12
C GLU B 90 4.17 52.63 -0.57
N ARG B 91 5.42 52.71 -1.05
CA ARG B 91 5.91 53.89 -1.74
C ARG B 91 5.26 54.09 -3.10
N VAL B 92 4.49 53.12 -3.58
CA VAL B 92 3.79 53.22 -4.87
C VAL B 92 2.37 53.69 -4.58
N THR B 93 1.99 54.80 -5.20
CA THR B 93 0.71 55.44 -4.95
C THR B 93 -0.27 55.18 -6.08
N VAL B 94 -1.52 54.87 -5.74
CA VAL B 94 -2.62 54.88 -6.70
C VAL B 94 -3.86 55.46 -6.03
N GLU B 95 -4.78 55.94 -6.87
CA GLU B 95 -6.09 56.34 -6.39
C GLU B 95 -6.84 55.13 -5.86
N VAL B 96 -7.40 55.25 -4.67
CA VAL B 96 -8.18 54.19 -4.03
C VAL B 96 -9.55 54.76 -3.71
N ILE B 97 -10.58 54.23 -4.37
CA ILE B 97 -11.94 54.72 -4.24
C ILE B 97 -12.58 54.03 -3.04
N GLU B 98 -12.82 54.79 -1.97
CA GLU B 98 -13.47 54.28 -0.78
C GLU B 98 -14.66 55.15 -0.45
N GLU B 99 -15.57 54.60 0.34
CA GLU B 99 -16.72 55.36 0.83
C GLU B 99 -16.87 55.18 2.33
N ASN B 100 -17.94 54.51 2.76
CA ASN B 100 -18.21 54.34 4.18
C ASN B 100 -17.60 53.03 4.70
N GLY B 101 -16.27 52.98 4.66
CA GLY B 101 -15.52 51.86 5.19
C GLY B 101 -15.22 50.76 4.19
N ASP B 102 -15.77 50.82 2.99
CA ASP B 102 -15.60 49.79 1.98
C ASP B 102 -14.66 50.27 0.88
N ILE B 103 -13.75 49.40 0.47
CA ILE B 103 -12.85 49.69 -0.65
C ILE B 103 -13.52 49.25 -1.93
N LEU B 104 -13.76 50.20 -2.83
CA LEU B 104 -14.52 49.94 -4.05
C LEU B 104 -13.64 49.75 -5.27
N GLU B 105 -12.48 50.39 -5.32
CA GLU B 105 -11.64 50.29 -6.51
C GLU B 105 -10.21 50.63 -6.14
N ILE B 106 -9.27 49.84 -6.66
CA ILE B 106 -7.85 50.12 -6.55
C ILE B 106 -7.26 49.90 -7.95
N LYS B 107 -7.22 50.96 -8.75
CA LYS B 107 -6.68 50.84 -10.09
C LYS B 107 -5.22 50.44 -10.05
N ILE B 108 -4.82 49.59 -10.99
CA ILE B 108 -3.40 49.29 -11.22
C ILE B 108 -3.14 49.55 -12.70
N THR B 109 -2.26 50.50 -12.99
CA THR B 109 -1.88 50.81 -14.35
C THR B 109 -0.58 50.11 -14.69
N GLU B 110 -0.25 50.11 -15.99
CA GLU B 110 1.03 49.56 -16.40
C GLU B 110 2.21 50.37 -15.89
N LYS B 111 1.97 51.63 -15.49
CA LYS B 111 3.04 52.43 -14.90
C LYS B 111 3.31 52.00 -13.46
N THR B 112 2.27 51.57 -12.73
CA THR B 112 2.47 51.13 -11.35
C THR B 112 3.25 49.82 -11.29
N ILE B 113 3.01 48.91 -12.24
CA ILE B 113 3.83 47.70 -12.29
C ILE B 113 5.24 48.03 -12.77
N LYS B 114 5.38 49.03 -13.65
CA LYS B 114 6.71 49.51 -13.99
C LYS B 114 7.38 50.16 -12.79
N GLU B 115 6.59 50.73 -11.88
CA GLU B 115 7.14 51.21 -10.61
C GLU B 115 7.49 50.04 -9.70
N LEU B 116 6.63 49.02 -9.66
CA LEU B 116 6.92 47.84 -8.86
C LEU B 116 8.14 47.08 -9.35
N ASP B 117 8.54 47.29 -10.61
CA ASP B 117 9.76 46.67 -11.11
C ASP B 117 10.99 47.16 -10.35
N LEU B 118 10.98 48.41 -9.90
CA LEU B 118 12.13 48.95 -9.20
C LEU B 118 12.36 48.28 -7.85
N LEU B 119 11.33 47.65 -7.27
CA LEU B 119 11.43 47.05 -5.95
C LEU B 119 11.32 45.52 -5.97
N SER B 120 11.09 44.93 -7.13
CA SER B 120 10.90 43.48 -7.22
C SER B 120 12.24 42.75 -7.25
N ASP B 121 12.29 41.62 -6.57
CA ASP B 121 13.46 40.73 -6.58
C ASP B 121 13.45 39.98 -7.90
N LYS B 122 14.27 40.43 -8.85
CA LYS B 122 14.31 39.79 -10.16
C LYS B 122 14.87 38.37 -10.10
N ASN B 123 15.65 38.05 -9.07
CA ASN B 123 16.18 36.69 -8.95
C ASN B 123 15.08 35.71 -8.58
N ALA B 124 14.26 36.06 -7.59
CA ALA B 124 13.16 35.18 -7.22
C ALA B 124 12.07 35.15 -8.30
N MET B 125 11.91 36.25 -9.04
CA MET B 125 10.91 36.29 -10.09
C MET B 125 11.24 35.31 -11.21
N GLN B 126 12.51 35.25 -11.63
CA GLN B 126 12.90 34.29 -12.65
C GLN B 126 12.90 32.87 -12.11
N HIS B 127 13.20 32.69 -10.82
CA HIS B 127 13.18 31.35 -10.24
C HIS B 127 11.79 30.76 -10.25
N TYR B 128 10.78 31.54 -9.86
CA TYR B 128 9.40 31.09 -9.97
C TYR B 128 9.03 30.83 -11.42
N THR B 129 9.56 31.64 -12.35
CA THR B 129 9.34 31.39 -13.76
C THR B 129 9.91 30.04 -14.18
N ASN B 130 11.07 29.67 -13.63
CA ASN B 130 11.67 28.39 -13.97
C ASN B 130 10.90 27.22 -13.39
N ILE B 131 10.29 27.41 -12.21
CA ILE B 131 9.44 26.37 -11.62
C ILE B 131 8.17 26.22 -12.44
N PHE B 132 7.53 27.35 -12.80
CA PHE B 132 6.31 27.29 -13.58
C PHE B 132 6.58 26.71 -14.97
N ASN B 133 7.68 27.11 -15.61
CA ASN B 133 8.03 26.56 -16.91
C ASN B 133 8.35 25.07 -16.81
N ASP B 134 8.86 24.62 -15.65
CA ASP B 134 9.23 23.22 -15.52
C ASP B 134 8.02 22.30 -15.55
N ILE B 135 6.85 22.80 -15.16
CA ILE B 135 5.64 21.98 -15.21
C ILE B 135 4.90 22.29 -16.51
N LYS B 136 5.04 23.51 -17.02
CA LYS B 136 4.36 23.87 -18.25
C LYS B 136 5.02 23.24 -19.47
N LYS B 137 6.32 22.90 -19.37
CA LYS B 137 6.99 22.23 -20.47
C LYS B 137 6.56 20.77 -20.61
N ARG B 138 5.92 20.22 -19.59
CA ARG B 138 5.37 18.86 -19.66
C ARG B 138 3.91 18.85 -20.09
N GLY B 139 3.34 20.01 -20.41
CA GLY B 139 1.93 20.08 -20.74
C GLY B 139 1.01 19.99 -19.55
N TRP B 140 1.45 20.44 -18.38
CA TRP B 140 0.67 20.31 -17.17
C TRP B 140 -0.20 21.54 -16.94
N PHE B 141 -1.20 21.38 -16.08
CA PHE B 141 -2.14 22.43 -15.73
C PHE B 141 -1.59 23.19 -14.52
N LEU B 142 -1.22 24.46 -14.72
CA LEU B 142 -0.59 25.27 -13.69
C LEU B 142 -1.62 26.14 -13.00
N VAL B 143 -1.70 26.02 -11.67
CA VAL B 143 -2.49 26.91 -10.82
C VAL B 143 -1.51 27.67 -9.93
N ILE B 144 -1.63 28.99 -9.92
CA ILE B 144 -0.76 29.85 -9.11
C ILE B 144 -1.58 30.40 -7.96
N ASN B 145 -1.14 30.12 -6.74
CA ASN B 145 -1.74 30.69 -5.54
C ASN B 145 -0.90 31.88 -5.08
N LEU B 146 -1.57 33.00 -4.84
CA LEU B 146 -0.86 34.25 -4.55
C LEU B 146 -0.44 34.35 -3.09
N PHE B 147 -1.34 34.01 -2.18
CA PHE B 147 -1.10 34.18 -0.75
C PHE B 147 -1.40 32.86 -0.04
N HIS B 148 -0.42 32.36 0.71
CA HIS B 148 -0.57 31.12 1.46
C HIS B 148 -0.08 31.33 2.89
N TRP B 149 -0.80 32.18 3.63
CA TRP B 149 -0.66 32.38 5.07
C TRP B 149 0.57 33.21 5.43
N SER B 150 1.72 32.94 4.82
CA SER B 150 2.95 33.64 5.15
C SER B 150 2.93 35.04 4.52
N LEU B 151 2.94 36.08 5.37
CA LEU B 151 2.94 37.47 4.96
C LEU B 151 4.32 38.08 5.14
N PRO B 152 4.71 39.02 4.28
CA PRO B 152 5.99 39.71 4.46
C PRO B 152 6.03 40.45 5.80
N LEU B 153 7.25 40.63 6.31
CA LEU B 153 7.41 41.24 7.63
C LEU B 153 6.97 42.70 7.63
N TRP B 154 7.16 43.40 6.52
CA TRP B 154 6.69 44.77 6.42
C TRP B 154 5.17 44.85 6.30
N ILE B 155 4.50 43.72 6.07
CA ILE B 155 3.05 43.66 6.16
C ILE B 155 2.61 43.32 7.58
N ASN B 156 3.23 42.31 8.18
CA ASN B 156 2.90 41.88 9.54
C ASN B 156 4.15 41.33 10.20
N ASP B 157 4.47 41.87 11.38
CA ASP B 157 5.59 41.40 12.18
C ASP B 157 5.10 41.11 13.59
N PRO B 158 4.99 39.85 14.00
CA PRO B 158 4.54 39.55 15.36
C PRO B 158 5.60 39.91 16.41
N SER B 159 5.92 41.19 16.51
CA SER B 159 6.93 41.67 17.46
C SER B 159 6.49 41.46 18.90
N ASN B 167 -2.00 37.69 21.12
CA ASN B 167 -1.00 36.64 21.21
C ASN B 167 -1.09 35.69 20.01
N ALA B 168 -1.95 36.03 19.07
CA ALA B 168 -2.08 35.25 17.85
C ALA B 168 -1.19 35.81 16.76
N LEU B 169 -1.14 35.09 15.63
CA LEU B 169 -0.23 35.48 14.55
C LEU B 169 -0.56 36.86 14.01
N GLY B 170 -1.84 37.11 13.74
CA GLY B 170 -2.28 38.41 13.24
C GLY B 170 -2.00 38.64 11.77
N ASN B 171 -2.18 37.61 10.94
CA ASN B 171 -1.83 37.70 9.52
C ASN B 171 -3.06 37.88 8.64
N CYS B 172 -3.90 38.86 8.95
CA CYS B 172 -5.08 39.18 8.14
C CYS B 172 -4.87 40.46 7.35
N MET B 173 -5.83 40.70 6.47
CA MET B 173 -5.87 41.94 5.72
C MET B 173 -6.51 43.05 6.58
N ASN B 174 -5.90 44.23 6.52
CA ASN B 174 -6.55 45.44 7.01
C ASN B 174 -6.67 46.37 5.82
N ARG B 175 -6.95 47.66 6.04
CA ARG B 175 -7.03 48.58 4.92
C ARG B 175 -5.70 48.66 4.19
N SER B 176 -4.58 48.63 4.94
CA SER B 176 -3.26 48.75 4.32
C SER B 176 -2.83 47.44 3.66
N SER B 177 -3.18 46.30 4.24
CA SER B 177 -2.75 45.02 3.70
C SER B 177 -3.41 44.73 2.36
N VAL B 178 -4.69 45.09 2.20
CA VAL B 178 -5.36 44.85 0.93
C VAL B 178 -4.73 45.69 -0.17
N ILE B 179 -4.45 46.96 0.10
CA ILE B 179 -3.92 47.86 -0.91
C ILE B 179 -2.60 47.34 -1.46
N GLU B 180 -1.68 46.95 -0.57
CA GLU B 180 -0.42 46.41 -1.03
C GLU B 180 -0.60 45.04 -1.69
N PHE B 181 -1.55 44.24 -1.23
CA PHE B 181 -1.75 42.92 -1.81
C PHE B 181 -2.23 43.01 -3.25
N VAL B 182 -3.04 44.01 -3.58
CA VAL B 182 -3.56 44.14 -4.94
C VAL B 182 -2.42 44.42 -5.92
N LYS B 183 -1.49 45.33 -5.54
CA LYS B 183 -0.34 45.60 -6.41
C LYS B 183 0.48 44.34 -6.64
N TYR B 184 0.71 43.56 -5.57
CA TYR B 184 1.41 42.29 -5.75
C TYR B 184 0.58 41.33 -6.59
N ALA B 185 -0.74 41.36 -6.43
CA ALA B 185 -1.61 40.48 -7.20
C ALA B 185 -1.53 40.80 -8.69
N ALA B 186 -1.62 42.09 -9.03
CA ALA B 186 -1.53 42.48 -10.44
C ALA B 186 -0.14 42.23 -11.00
N TYR B 187 0.89 42.36 -10.17
CA TYR B 187 2.26 42.12 -10.63
C TYR B 187 2.43 40.70 -11.12
N ILE B 188 1.97 39.72 -10.33
CA ILE B 188 2.03 38.33 -10.74
C ILE B 188 1.18 38.12 -12.00
N SER B 189 0.01 38.76 -12.05
CA SER B 189 -0.85 38.64 -13.22
C SER B 189 -0.21 39.28 -14.45
N TYR B 190 0.67 40.26 -14.25
CA TYR B 190 1.33 40.90 -15.39
C TYR B 190 2.35 39.96 -16.01
N TYR B 191 3.23 39.37 -15.20
CA TYR B 191 4.32 38.56 -15.72
C TYR B 191 3.96 37.10 -15.90
N PHE B 192 2.94 36.60 -15.19
CA PHE B 192 2.55 35.20 -15.28
C PHE B 192 1.12 35.02 -15.76
N GLY B 193 0.49 36.07 -16.28
CA GLY B 193 -0.89 35.97 -16.73
C GLY B 193 -1.11 35.06 -17.93
N SER B 194 -0.06 34.78 -18.68
CA SER B 194 -0.14 33.89 -19.83
C SER B 194 0.52 32.54 -19.60
N ILE B 195 1.27 32.37 -18.51
CA ILE B 195 1.89 31.09 -18.22
C ILE B 195 1.00 30.25 -17.30
N ALA B 196 0.41 30.86 -16.29
CA ALA B 196 -0.52 30.15 -15.43
C ALA B 196 -1.82 29.85 -16.17
N ASP B 197 -2.41 28.70 -15.86
CA ASP B 197 -3.69 28.32 -16.43
C ASP B 197 -4.87 28.72 -15.54
N ARG B 198 -4.61 28.95 -14.26
CA ARG B 198 -5.64 29.36 -13.31
C ARG B 198 -4.98 30.13 -12.18
N PHE B 199 -5.71 31.07 -11.62
CA PHE B 199 -5.21 31.92 -10.54
C PHE B 199 -6.09 31.75 -9.30
N ALA B 200 -5.45 31.52 -8.16
CA ALA B 200 -6.13 31.51 -6.86
C ALA B 200 -5.49 32.60 -6.03
N THR B 201 -6.27 33.63 -5.69
CA THR B 201 -5.70 34.77 -4.98
C THR B 201 -5.33 34.46 -3.54
N MET B 202 -5.86 33.38 -2.98
CA MET B 202 -5.62 33.05 -1.58
C MET B 202 -5.95 31.58 -1.34
N ASN B 203 -5.22 30.99 -0.40
CA ASN B 203 -5.47 29.62 0.03
C ASN B 203 -6.05 29.64 1.44
N GLU B 204 -7.16 28.94 1.63
CA GLU B 204 -7.85 28.79 2.91
C GLU B 204 -7.88 30.10 3.71
N PRO B 205 -8.46 31.17 3.16
CA PRO B 205 -8.54 32.41 3.94
C PRO B 205 -9.42 32.29 5.16
N ASN B 206 -10.44 31.43 5.12
CA ASN B 206 -11.29 31.25 6.29
C ASN B 206 -10.51 30.67 7.46
N GLU B 207 -9.49 29.86 7.17
CA GLU B 207 -8.61 29.40 8.24
C GLU B 207 -7.75 30.53 8.79
N VAL B 208 -7.46 31.53 7.96
CA VAL B 208 -6.62 32.63 8.40
C VAL B 208 -7.39 33.57 9.33
N PHE B 209 -8.52 34.12 8.87
CA PHE B 209 -9.24 35.07 9.71
C PHE B 209 -10.05 34.37 10.81
N LYS B 210 -9.92 33.05 10.95
CA LYS B 210 -10.35 32.37 12.16
C LYS B 210 -9.24 32.35 13.21
N THR B 211 -8.00 32.07 12.80
CA THR B 211 -6.85 32.04 13.69
C THR B 211 -6.11 33.37 13.69
N CYS B 212 -6.77 34.45 13.28
CA CYS B 212 -6.12 35.75 13.16
C CYS B 212 -5.78 36.34 14.52
N SER B 213 -6.80 36.59 15.33
CA SER B 213 -6.66 37.09 16.68
C SER B 213 -7.24 36.07 17.66
N GLU B 214 -7.01 36.31 18.95
CA GLU B 214 -7.65 35.49 19.96
C GLU B 214 -9.13 35.81 20.09
N ASP B 215 -9.56 36.97 19.60
CA ASP B 215 -10.96 37.34 19.59
C ASP B 215 -11.71 36.47 18.59
N LYS B 216 -12.64 35.66 19.10
CA LYS B 216 -13.38 34.72 18.28
C LYS B 216 -14.85 35.10 18.11
N ARG B 217 -15.27 36.25 18.63
CA ARG B 217 -16.64 36.68 18.46
C ARG B 217 -17.01 36.75 16.98
N VAL B 218 -18.17 36.22 16.63
CA VAL B 218 -18.60 36.12 15.24
C VAL B 218 -18.63 37.49 14.57
N GLU B 219 -19.00 38.53 15.31
CA GLU B 219 -19.09 39.87 14.77
C GLU B 219 -17.73 40.54 14.61
N SER B 220 -16.63 39.83 14.86
CA SER B 220 -15.31 40.24 14.45
C SER B 220 -14.70 39.31 13.41
N TYR B 221 -15.01 38.02 13.49
CA TYR B 221 -14.66 37.07 12.44
C TYR B 221 -15.21 37.52 11.10
N HIS B 222 -16.41 38.10 11.10
CA HIS B 222 -17.03 38.55 9.86
C HIS B 222 -16.36 39.82 9.34
N ILE B 223 -15.99 40.75 10.23
CA ILE B 223 -15.29 41.95 9.78
C ILE B 223 -13.98 41.59 9.11
N ARG B 224 -13.22 40.68 9.72
CA ARG B 224 -11.96 40.25 9.13
C ARG B 224 -12.17 39.52 7.81
N MET B 225 -13.26 38.76 7.69
CA MET B 225 -13.56 38.10 6.42
C MET B 225 -13.72 39.12 5.31
N LYS B 226 -14.42 40.22 5.60
CA LYS B 226 -14.68 41.22 4.57
C LYS B 226 -13.40 41.82 4.02
N TRP B 227 -12.37 41.97 4.85
CA TRP B 227 -11.08 42.41 4.35
C TRP B 227 -10.52 41.42 3.34
N PHE B 228 -10.65 40.12 3.61
CA PHE B 228 -10.23 39.12 2.64
C PHE B 228 -11.16 39.09 1.44
N VAL B 229 -12.43 39.44 1.63
CA VAL B 229 -13.36 39.52 0.49
C VAL B 229 -12.87 40.54 -0.52
N GLU B 230 -12.49 41.74 -0.05
CA GLU B 230 -11.98 42.74 -0.98
C GLU B 230 -10.58 42.42 -1.47
N ALA B 231 -9.82 41.66 -0.69
CA ALA B 231 -8.50 41.27 -1.16
C ALA B 231 -8.59 40.51 -2.48
N HIS B 232 -9.56 39.60 -2.59
CA HIS B 232 -9.77 38.92 -3.87
C HIS B 232 -10.53 39.81 -4.85
N ALA B 233 -11.51 40.57 -4.37
CA ALA B 233 -12.33 41.37 -5.27
C ALA B 233 -11.49 42.42 -5.99
N ARG B 234 -10.68 43.19 -5.23
CA ARG B 234 -9.89 44.23 -5.85
C ARG B 234 -8.71 43.66 -6.64
N SER B 235 -8.18 42.51 -6.21
CA SER B 235 -7.20 41.81 -7.03
C SER B 235 -7.80 41.38 -8.36
N TYR B 236 -8.98 40.75 -8.30
CA TYR B 236 -9.66 40.28 -9.51
C TYR B 236 -9.71 41.37 -10.58
N ASP B 237 -10.20 42.56 -10.21
CA ASP B 237 -10.27 43.65 -11.17
C ASP B 237 -8.89 44.05 -11.66
N ALA B 238 -7.86 43.94 -10.81
CA ALA B 238 -6.52 44.33 -11.21
C ALA B 238 -5.83 43.25 -12.04
N MET B 239 -6.09 41.98 -11.72
CA MET B 239 -5.43 40.89 -12.44
C MET B 239 -6.04 40.68 -13.82
N LYS B 240 -7.32 40.99 -14.00
CA LYS B 240 -7.96 40.75 -15.29
C LYS B 240 -7.40 41.62 -16.40
N GLN B 241 -6.78 42.76 -16.06
CA GLN B 241 -6.19 43.62 -17.08
C GLN B 241 -5.00 42.96 -17.79
N PHE B 242 -4.40 41.95 -17.17
CA PHE B 242 -3.22 41.32 -17.73
C PHE B 242 -3.36 39.81 -17.95
N THR B 243 -4.53 39.24 -17.71
CA THR B 243 -4.74 37.82 -17.96
C THR B 243 -6.20 37.58 -18.31
N ASN B 244 -6.43 36.58 -19.16
CA ASN B 244 -7.77 36.10 -19.48
C ASN B 244 -8.05 34.74 -18.86
N ARG B 245 -7.21 34.30 -17.93
CA ARG B 245 -7.41 33.03 -17.23
C ARG B 245 -8.49 33.20 -16.16
N GLN B 246 -8.84 32.08 -15.51
CA GLN B 246 -9.87 32.08 -14.48
C GLN B 246 -9.25 32.35 -13.12
N ILE B 247 -9.85 33.27 -12.38
CA ILE B 247 -9.35 33.68 -11.07
C ILE B 247 -10.35 33.24 -10.01
N GLY B 248 -9.86 32.57 -8.96
CA GLY B 248 -10.75 32.06 -7.94
C GLY B 248 -10.21 32.13 -6.54
N VAL B 249 -10.81 31.36 -5.63
CA VAL B 249 -10.45 31.35 -4.22
C VAL B 249 -10.38 29.90 -3.76
N ILE B 250 -9.25 29.52 -3.17
CA ILE B 250 -9.11 28.20 -2.57
C ILE B 250 -9.56 28.29 -1.11
N TYR B 251 -10.58 27.52 -0.75
CA TYR B 251 -11.25 27.65 0.52
C TYR B 251 -11.09 26.38 1.34
N ALA B 252 -10.99 26.54 2.66
CA ALA B 252 -10.98 25.41 3.58
C ALA B 252 -12.40 24.93 3.81
N ASN B 253 -12.61 23.62 3.73
CA ASN B 253 -13.95 23.06 3.83
C ASN B 253 -13.94 21.77 4.64
N GLY B 254 -15.00 21.58 5.41
CA GLY B 254 -15.31 20.29 5.98
C GLY B 254 -16.78 20.00 5.77
N ASP B 255 -17.11 18.72 5.58
CA ASP B 255 -18.51 18.35 5.41
C ASP B 255 -19.29 18.71 6.67
N VAL B 256 -20.01 19.84 6.62
CA VAL B 256 -20.72 20.31 7.80
C VAL B 256 -21.94 19.44 8.03
N GLN B 257 -22.05 18.89 9.24
CA GLN B 257 -23.19 18.09 9.62
C GLN B 257 -23.63 18.45 11.03
N SER B 258 -24.93 18.43 11.26
CA SER B 258 -25.45 18.58 12.61
C SER B 258 -25.32 17.26 13.36
N PHE B 259 -25.10 17.36 14.67
CA PHE B 259 -24.93 16.16 15.48
C PHE B 259 -26.15 15.27 15.39
N GLU B 260 -25.95 14.05 14.91
CA GLU B 260 -27.00 13.07 14.68
C GLU B 260 -28.06 13.58 13.70
N ASN B 261 -27.72 14.62 12.93
CA ASN B 261 -28.62 15.20 11.93
C ASN B 261 -29.94 15.65 12.53
N LYS B 262 -29.94 16.05 13.80
CA LYS B 262 -31.13 16.53 14.48
C LYS B 262 -31.33 18.03 14.33
N ASP B 263 -30.44 18.73 13.63
CA ASP B 263 -30.49 20.19 13.53
C ASP B 263 -29.95 20.65 12.19
N PRO B 264 -30.65 20.31 11.10
CA PRO B 264 -30.18 20.76 9.78
C PRO B 264 -30.17 22.26 9.63
N LYS B 265 -30.95 22.97 10.45
CA LYS B 265 -30.89 24.43 10.47
C LYS B 265 -29.51 24.90 10.94
N LEU B 266 -29.03 24.33 12.04
CA LEU B 266 -27.67 24.62 12.50
C LEU B 266 -26.64 24.29 11.44
N LYS B 267 -26.91 23.28 10.61
CA LYS B 267 -25.99 22.92 9.53
C LYS B 267 -25.88 24.05 8.52
N GLU B 268 -27.02 24.61 8.09
CA GLU B 268 -27.01 25.59 7.02
C GLU B 268 -26.50 26.96 7.47
N GLU B 269 -26.74 27.35 8.72
CA GLU B 269 -26.21 28.62 9.20
C GLU B 269 -24.74 28.54 9.57
N VAL B 270 -24.25 27.36 9.95
CA VAL B 270 -22.81 27.19 10.11
C VAL B 270 -22.11 27.29 8.77
N GLU B 271 -22.71 26.68 7.73
CA GLU B 271 -22.15 26.80 6.39
C GLU B 271 -22.15 28.24 5.91
N TYR B 272 -23.25 28.97 6.14
CA TYR B 272 -23.32 30.35 5.71
C TYR B 272 -22.34 31.22 6.50
N GLU B 273 -22.22 30.97 7.80
CA GLU B 273 -21.36 31.82 8.62
C GLU B 273 -19.89 31.69 8.23
N GLN B 274 -19.42 30.46 8.00
CA GLN B 274 -18.00 30.23 7.73
C GLN B 274 -17.65 30.23 6.25
N ARG B 275 -18.63 30.03 5.37
CA ARG B 275 -18.33 29.70 3.99
C ARG B 275 -19.15 30.52 3.00
N TYR B 276 -20.47 30.46 3.12
CA TYR B 276 -21.34 31.04 2.09
C TYR B 276 -21.61 32.52 2.28
N SER B 277 -21.40 33.06 3.47
CA SER B 277 -21.37 34.51 3.61
C SER B 277 -20.25 35.10 2.74
N PHE B 278 -19.06 34.50 2.83
CA PHE B 278 -17.95 34.87 1.97
C PHE B 278 -18.35 34.83 0.49
N PHE B 279 -18.70 33.64 0.00
CA PHE B 279 -18.89 33.46 -1.43
C PHE B 279 -20.14 34.18 -1.95
N ASP B 280 -21.17 34.36 -1.12
CA ASP B 280 -22.32 35.14 -1.58
C ASP B 280 -21.94 36.58 -1.85
N ALA B 281 -20.89 37.07 -1.19
CA ALA B 281 -20.41 38.42 -1.45
C ALA B 281 -19.64 38.50 -2.76
N LEU B 282 -18.77 37.53 -3.02
CA LEU B 282 -17.91 37.56 -4.19
C LEU B 282 -18.59 36.99 -5.44
N ILE B 283 -19.79 36.44 -5.31
CA ILE B 283 -20.55 35.93 -6.44
C ILE B 283 -21.79 36.78 -6.70
N HIS B 284 -22.49 37.19 -5.64
CA HIS B 284 -23.72 37.97 -5.78
C HIS B 284 -23.66 39.37 -5.17
N GLY B 285 -22.59 39.70 -4.43
CA GLY B 285 -22.52 40.99 -3.78
C GLY B 285 -23.18 41.06 -2.42
N ASP B 286 -23.75 39.95 -1.94
CA ASP B 286 -24.47 39.94 -0.68
C ASP B 286 -23.49 40.08 0.48
N VAL B 287 -23.55 41.20 1.20
CA VAL B 287 -22.74 41.39 2.40
C VAL B 287 -23.65 41.79 3.55
N HIS B 288 -24.87 41.23 3.58
CA HIS B 288 -25.77 41.52 4.68
C HIS B 288 -25.23 40.99 6.00
N TRP B 289 -24.43 39.92 5.95
CA TRP B 289 -23.78 39.41 7.15
C TRP B 289 -22.79 40.45 7.70
N TYR B 290 -22.11 41.17 6.81
CA TYR B 290 -21.16 42.19 7.25
C TYR B 290 -21.87 43.40 7.83
N VAL B 291 -22.91 43.88 7.14
CA VAL B 291 -23.67 45.03 7.64
C VAL B 291 -24.36 44.68 8.95
N GLY B 292 -24.88 43.46 9.06
CA GLY B 292 -25.44 43.00 10.32
C GLY B 292 -24.43 42.92 11.44
N ALA B 293 -23.19 42.52 11.11
CA ALA B 293 -22.16 42.42 12.14
C ALA B 293 -21.71 43.80 12.60
N CYS B 294 -21.59 44.75 11.67
CA CYS B 294 -21.09 46.08 12.01
C CYS B 294 -22.07 46.86 12.89
N ARG B 295 -23.37 46.60 12.72
CA ARG B 295 -24.36 47.34 13.51
C ARG B 295 -24.29 46.96 14.99
N LYS B 296 -24.01 45.68 15.28
CA LYS B 296 -23.91 45.25 16.67
C LYS B 296 -22.61 45.72 17.33
N THR B 297 -21.62 46.12 16.54
CA THR B 297 -20.34 46.59 17.07
C THR B 297 -20.12 48.08 16.89
N ASN B 298 -21.06 48.78 16.24
CA ASN B 298 -20.91 50.20 15.91
C ASN B 298 -19.64 50.43 15.07
N HIS B 299 -19.62 49.79 13.91
CA HIS B 299 -18.55 49.89 12.93
C HIS B 299 -19.16 50.41 11.63
N VAL B 300 -18.52 51.41 11.03
CA VAL B 300 -19.10 52.05 9.85
C VAL B 300 -19.23 51.02 8.74
N HIS B 301 -20.45 50.84 8.24
CA HIS B 301 -20.75 49.88 7.19
C HIS B 301 -21.21 50.62 5.92
N GLY B 302 -21.07 49.93 4.80
CA GLY B 302 -21.46 50.45 3.50
C GLY B 302 -22.76 49.87 3.01
N LYS B 303 -22.90 49.81 1.68
CA LYS B 303 -24.13 49.31 1.08
C LYS B 303 -24.21 47.79 1.24
N SER B 304 -25.42 47.30 1.54
CA SER B 304 -25.60 45.88 1.83
C SER B 304 -25.45 45.01 0.59
N ILE B 305 -25.57 45.59 -0.61
CA ILE B 305 -25.32 44.87 -1.86
C ILE B 305 -24.25 45.64 -2.61
N ARG B 306 -23.16 44.96 -2.96
CA ARG B 306 -21.97 45.61 -3.49
C ARG B 306 -21.61 45.05 -4.86
N PRO B 307 -21.89 45.78 -5.95
CA PRO B 307 -21.41 45.34 -7.26
C PRO B 307 -19.91 45.39 -7.41
N ASP B 308 -19.19 46.10 -6.53
CA ASP B 308 -17.74 46.07 -6.54
C ASP B 308 -17.19 44.76 -5.99
N LEU B 309 -18.05 43.84 -5.52
CA LEU B 309 -17.66 42.50 -5.14
C LEU B 309 -18.37 41.41 -5.93
N SER B 310 -19.42 41.74 -6.65
CA SER B 310 -20.26 40.74 -7.29
C SER B 310 -19.58 40.14 -8.51
N ASN B 311 -19.87 38.86 -8.76
CA ASN B 311 -19.40 38.14 -9.95
C ASN B 311 -17.88 38.18 -10.06
N ARG B 312 -17.21 37.78 -8.98
CA ARG B 312 -15.76 37.83 -8.93
C ARG B 312 -15.17 36.47 -8.57
N ILE B 313 -15.87 35.39 -8.90
CA ILE B 313 -15.41 34.03 -8.66
C ILE B 313 -15.59 33.24 -9.96
N ASP B 314 -14.49 33.02 -10.67
CA ASP B 314 -14.53 32.22 -11.88
C ASP B 314 -14.44 30.72 -11.61
N TRP B 315 -13.90 30.32 -10.47
CA TRP B 315 -13.78 28.92 -10.10
C TRP B 315 -13.47 28.84 -8.61
N ILE B 316 -13.96 27.79 -7.97
CA ILE B 316 -13.77 27.57 -6.53
C ILE B 316 -12.84 26.39 -6.33
N GLY B 317 -11.79 26.60 -5.53
CA GLY B 317 -10.94 25.50 -5.12
C GLY B 317 -11.44 24.89 -3.83
N VAL B 318 -11.84 23.63 -3.88
CA VAL B 318 -12.42 22.94 -2.72
C VAL B 318 -11.32 22.16 -2.03
N ASN B 319 -11.09 22.47 -0.75
CA ASN B 319 -10.18 21.72 0.11
C ASN B 319 -11.02 20.90 1.07
N TYR B 320 -10.92 19.58 0.97
CA TYR B 320 -11.65 18.70 1.86
C TYR B 320 -10.69 17.70 2.51
N TYR B 321 -10.88 17.48 3.80
CA TYR B 321 -10.07 16.50 4.54
C TYR B 321 -10.90 15.57 5.40
N SER B 322 -11.98 16.08 6.01
CA SER B 322 -12.74 15.26 6.95
C SER B 322 -14.11 15.89 7.17
N ARG B 323 -14.90 15.23 8.01
CA ARG B 323 -16.20 15.71 8.44
C ARG B 323 -16.04 16.89 9.39
N ASN B 324 -17.17 17.55 9.69
CA ASN B 324 -17.21 18.61 10.71
C ASN B 324 -18.62 18.59 11.32
N VAL B 325 -18.75 17.86 12.42
CA VAL B 325 -20.04 17.70 13.08
C VAL B 325 -20.19 18.76 14.16
N VAL B 326 -21.31 19.48 14.14
CA VAL B 326 -21.54 20.59 15.04
C VAL B 326 -22.79 20.32 15.88
N LYS B 327 -22.80 20.91 17.09
CA LYS B 327 -23.91 20.79 18.02
C LYS B 327 -24.25 22.16 18.56
N ARG B 328 -25.55 22.42 18.73
CA ARG B 328 -26.01 23.74 19.16
C ARG B 328 -25.89 23.88 20.67
N LYS B 329 -25.36 25.02 21.11
CA LYS B 329 -25.10 25.29 22.52
C LYS B 329 -26.20 26.20 23.07
N GLU B 330 -25.88 27.45 23.39
CA GLU B 330 -26.88 28.50 23.56
C GLU B 330 -26.39 29.74 22.82
N ASP B 331 -27.09 30.11 21.76
CA ASP B 331 -26.68 31.21 20.90
C ASP B 331 -25.25 31.01 20.41
N GLY B 332 -24.93 29.76 20.09
CA GLY B 332 -23.60 29.42 19.62
C GLY B 332 -23.53 27.94 19.34
N TYR B 333 -22.48 27.57 18.61
CA TYR B 333 -22.27 26.18 18.23
C TYR B 333 -20.85 25.76 18.59
N GLU B 334 -20.66 24.45 18.74
CA GLU B 334 -19.36 23.87 19.05
C GLU B 334 -19.11 22.67 18.15
N ASN B 335 -17.83 22.41 17.88
CA ASN B 335 -17.44 21.24 17.12
C ASN B 335 -17.47 20.01 18.02
N VAL B 336 -18.16 18.97 17.56
CA VAL B 336 -18.37 17.78 18.37
C VAL B 336 -17.07 16.99 18.44
N ARG B 337 -16.44 16.98 19.62
CA ARG B 337 -15.23 16.18 19.83
C ARG B 337 -15.58 14.71 19.72
N GLY B 338 -14.90 14.01 18.81
CA GLY B 338 -15.19 12.60 18.59
C GLY B 338 -15.37 12.26 17.13
N LEU B 339 -15.75 13.25 16.33
CA LEU B 339 -16.00 13.06 14.92
C LEU B 339 -15.31 14.18 14.13
N GLY B 340 -15.17 13.95 12.82
CA GLY B 340 -14.68 14.98 11.94
C GLY B 340 -13.26 15.40 12.26
N TYR B 341 -13.00 16.71 12.12
CA TYR B 341 -11.68 17.25 12.39
C TYR B 341 -11.32 17.19 13.88
N ASP B 342 -12.31 17.01 14.75
CA ASP B 342 -12.09 17.09 16.19
C ASP B 342 -12.11 15.73 16.87
N THR B 343 -11.99 14.63 16.11
CA THR B 343 -11.96 13.33 16.75
C THR B 343 -10.65 13.05 17.47
N GLY B 344 -9.61 13.84 17.18
CA GLY B 344 -8.34 13.67 17.88
C GLY B 344 -8.42 13.94 19.37
N TRP B 345 -9.48 14.62 19.83
CA TRP B 345 -9.62 14.89 21.25
C TRP B 345 -9.93 13.63 22.04
N VAL B 346 -10.58 12.65 21.44
CA VAL B 346 -10.95 11.42 22.13
C VAL B 346 -10.05 10.26 21.73
N SER B 347 -9.67 10.18 20.46
CA SER B 347 -8.95 8.99 20.00
C SER B 347 -8.31 9.29 18.65
N TYR B 348 -7.15 8.67 18.43
CA TYR B 348 -6.49 8.71 17.13
C TYR B 348 -6.62 7.40 16.37
N GLU B 349 -7.29 6.39 16.95
CA GLU B 349 -7.47 5.11 16.29
C GLU B 349 -8.81 5.01 15.57
N LYS B 350 -9.92 5.10 16.31
CA LYS B 350 -11.26 5.02 15.75
C LYS B 350 -12.10 6.17 16.29
N SER B 351 -12.93 6.76 15.42
CA SER B 351 -13.79 7.85 15.82
C SER B 351 -15.02 7.30 16.56
N LEU B 352 -15.92 8.21 16.94
CA LEU B 352 -17.13 7.80 17.64
C LEU B 352 -18.11 7.05 16.74
N ASP B 353 -17.87 7.01 15.44
CA ASP B 353 -18.65 6.23 14.50
C ASP B 353 -17.87 5.06 13.93
N GLY B 354 -16.80 4.64 14.62
CA GLY B 354 -16.01 3.51 14.19
C GLY B 354 -15.16 3.73 12.95
N ARG B 355 -14.96 4.96 12.53
CA ARG B 355 -14.15 5.25 11.36
C ARG B 355 -12.70 5.51 11.77
N SER B 356 -11.78 5.16 10.86
CA SER B 356 -10.37 5.32 11.15
C SER B 356 -9.99 6.81 11.19
N VAL B 357 -8.92 7.10 11.93
CA VAL B 357 -8.49 8.47 12.18
C VAL B 357 -7.11 8.67 11.57
N SER B 358 -6.86 9.90 11.11
CA SER B 358 -5.57 10.27 10.57
C SER B 358 -4.56 10.54 11.69
N GLU B 359 -3.31 10.77 11.30
CA GLU B 359 -2.28 11.09 12.29
C GLU B 359 -2.35 12.53 12.77
N THR B 360 -3.19 13.35 12.17
CA THR B 360 -3.52 14.66 12.70
C THR B 360 -4.82 14.64 13.50
N GLY B 361 -5.41 13.46 13.70
CA GLY B 361 -6.62 13.36 14.47
C GLY B 361 -7.89 13.74 13.74
N TRP B 362 -7.94 13.49 12.43
CA TRP B 362 -9.11 13.79 11.61
C TRP B 362 -9.77 12.50 11.17
N GLU B 363 -11.10 12.44 11.32
CA GLU B 363 -11.84 11.25 10.93
C GLU B 363 -11.82 11.10 9.41
N ILE B 364 -11.70 9.86 8.94
CA ILE B 364 -11.70 9.56 7.52
C ILE B 364 -13.16 9.40 7.12
N TYR B 365 -13.69 10.41 6.43
CA TYR B 365 -15.10 10.46 6.03
C TYR B 365 -15.16 10.74 4.54
N PRO B 366 -14.99 9.71 3.70
CA PRO B 366 -14.96 9.95 2.25
C PRO B 366 -16.29 10.37 1.66
N GLU B 367 -17.42 10.10 2.34
CA GLU B 367 -18.69 10.60 1.82
C GLU B 367 -18.78 12.11 1.89
N GLY B 368 -17.89 12.76 2.66
CA GLY B 368 -17.93 14.20 2.76
C GLY B 368 -17.46 14.92 1.51
N ILE B 369 -16.50 14.32 0.79
CA ILE B 369 -16.00 14.97 -0.43
C ILE B 369 -17.08 14.99 -1.51
N TYR B 370 -18.07 14.11 -1.42
CA TYR B 370 -19.24 14.24 -2.29
C TYR B 370 -20.17 15.35 -1.80
N ASN B 371 -20.38 15.43 -0.48
CA ASN B 371 -21.34 16.39 0.05
C ASN B 371 -20.84 17.83 -0.12
N ILE B 372 -19.57 18.08 0.20
CA ILE B 372 -19.04 19.43 0.06
C ILE B 372 -19.04 19.89 -1.39
N VAL B 373 -18.78 18.97 -2.33
CA VAL B 373 -18.75 19.34 -3.73
C VAL B 373 -20.16 19.61 -4.25
N MET B 374 -21.11 18.72 -3.90
CA MET B 374 -22.49 18.90 -4.34
C MET B 374 -23.10 20.15 -3.73
N SER B 375 -22.83 20.42 -2.46
CA SER B 375 -23.36 21.63 -1.83
C SER B 375 -22.79 22.88 -2.47
N TYR B 376 -21.51 22.87 -2.81
CA TYR B 376 -20.90 23.98 -3.54
C TYR B 376 -21.53 24.14 -4.91
N HIS B 377 -21.78 23.02 -5.60
CA HIS B 377 -22.30 23.08 -6.96
C HIS B 377 -23.76 23.53 -6.98
N LYS B 378 -24.58 22.92 -6.11
CA LYS B 378 -26.00 23.25 -6.09
C LYS B 378 -26.29 24.68 -5.70
N ARG B 379 -25.30 25.41 -5.17
CA ARG B 379 -25.49 26.81 -4.80
C ARG B 379 -24.95 27.78 -5.84
N TYR B 380 -23.91 27.42 -6.59
CA TYR B 380 -23.28 28.37 -7.49
C TYR B 380 -23.13 27.82 -8.91
N GLU B 381 -22.97 26.51 -9.04
CA GLU B 381 -22.81 25.86 -10.35
C GLU B 381 -21.63 26.43 -11.11
N LEU B 382 -20.52 26.61 -10.42
CA LEU B 382 -19.30 27.17 -10.99
C LEU B 382 -18.27 26.08 -11.26
N PRO B 383 -17.30 26.32 -12.14
CA PRO B 383 -16.20 25.37 -12.30
C PRO B 383 -15.46 25.20 -10.98
N MET B 384 -15.07 23.96 -10.68
CA MET B 384 -14.50 23.68 -9.37
C MET B 384 -13.34 22.72 -9.52
N MET B 385 -12.52 22.66 -8.47
CA MET B 385 -11.39 21.75 -8.37
C MET B 385 -11.28 21.30 -6.92
N ILE B 386 -10.98 20.02 -6.73
CA ILE B 386 -10.52 19.57 -5.42
C ILE B 386 -9.06 19.99 -5.30
N THR B 387 -8.83 21.17 -4.74
CA THR B 387 -7.48 21.71 -4.67
C THR B 387 -6.63 21.05 -3.59
N GLU B 388 -7.25 20.47 -2.57
CA GLU B 388 -6.49 19.78 -1.52
C GLU B 388 -7.31 18.61 -0.98
N ASN B 389 -6.71 17.43 -0.97
CA ASN B 389 -7.30 16.25 -0.36
C ASN B 389 -6.17 15.29 0.00
N GLY B 390 -6.20 14.77 1.22
CA GLY B 390 -5.15 13.88 1.66
C GLY B 390 -5.27 13.60 3.14
N MET B 391 -4.21 13.02 3.69
CA MET B 391 -4.23 12.56 5.08
C MET B 391 -2.81 12.37 5.58
N ALA B 392 -2.60 12.66 6.87
CA ALA B 392 -1.32 12.42 7.52
C ALA B 392 -1.21 10.92 7.83
N ASP B 393 -0.31 10.23 7.12
CA ASP B 393 -0.21 8.77 7.22
C ASP B 393 1.23 8.40 6.88
N ASP B 394 2.06 8.22 7.91
CA ASP B 394 3.49 8.03 7.68
C ASP B 394 3.78 6.69 7.00
N ASN B 395 3.18 5.61 7.50
CA ASN B 395 3.48 4.27 7.00
C ASN B 395 2.52 3.80 5.92
N ASP B 396 1.70 4.71 5.37
CA ASP B 396 0.80 4.40 4.25
C ASP B 396 -0.19 3.31 4.62
N ARG B 397 -0.71 3.36 5.85
CA ARG B 397 -1.67 2.36 6.30
C ARG B 397 -3.07 2.63 5.75
N PHE B 398 -3.47 3.90 5.67
CA PHE B 398 -4.81 4.27 5.24
C PHE B 398 -4.85 5.02 3.91
N ARG B 399 -3.69 5.49 3.40
CA ARG B 399 -3.67 6.36 2.24
C ARG B 399 -4.16 5.70 0.95
N PRO B 400 -3.81 4.43 0.67
CA PRO B 400 -4.46 3.75 -0.47
C PRO B 400 -5.97 3.80 -0.41
N ARG B 401 -6.56 3.39 0.72
CA ARG B 401 -8.02 3.41 0.84
C ARG B 401 -8.56 4.83 0.91
N TYR B 402 -7.80 5.75 1.50
CA TYR B 402 -8.23 7.15 1.53
C TYR B 402 -8.31 7.72 0.12
N LEU B 403 -7.27 7.48 -0.69
CA LEU B 403 -7.23 8.05 -2.03
C LEU B 403 -8.34 7.49 -2.90
N VAL B 404 -8.56 6.17 -2.87
CA VAL B 404 -9.55 5.57 -3.76
C VAL B 404 -10.96 5.92 -3.33
N SER B 405 -11.24 5.88 -2.03
CA SER B 405 -12.58 6.16 -1.54
C SER B 405 -12.99 7.60 -1.83
N HIS B 406 -12.07 8.56 -1.64
CA HIS B 406 -12.40 9.95 -1.88
C HIS B 406 -12.54 10.25 -3.38
N LEU B 407 -11.73 9.60 -4.22
CA LEU B 407 -11.88 9.78 -5.66
C LEU B 407 -13.15 9.12 -6.17
N LYS B 408 -13.59 8.04 -5.53
CA LYS B 408 -14.85 7.42 -5.91
C LYS B 408 -16.04 8.32 -5.57
N ASN B 409 -16.02 8.90 -4.37
CA ASN B 409 -17.10 9.80 -4.00
C ASN B 409 -17.05 11.10 -4.80
N LEU B 410 -15.85 11.53 -5.19
CA LEU B 410 -15.74 12.71 -6.05
C LEU B 410 -16.30 12.42 -7.44
N GLU B 411 -16.01 11.24 -7.99
CA GLU B 411 -16.55 10.87 -9.29
C GLU B 411 -18.07 10.74 -9.24
N ARG B 412 -18.62 10.31 -8.10
CA ARG B 412 -20.07 10.27 -7.94
C ARG B 412 -20.66 11.68 -7.97
N ALA B 413 -19.91 12.67 -7.49
CA ALA B 413 -20.39 14.05 -7.56
C ALA B 413 -20.33 14.59 -8.98
N ILE B 414 -19.24 14.32 -9.70
CA ILE B 414 -19.13 14.74 -11.09
C ILE B 414 -20.29 14.17 -11.91
N ASN B 415 -20.64 12.91 -11.67
CA ASN B 415 -21.73 12.29 -12.40
C ASN B 415 -23.06 12.97 -12.11
N ASP B 416 -23.23 13.54 -10.92
CA ASP B 416 -24.46 14.21 -10.53
C ASP B 416 -24.50 15.68 -10.92
N GLY B 417 -23.63 16.11 -11.83
CA GLY B 417 -23.67 17.45 -12.38
C GLY B 417 -22.59 18.40 -11.88
N ALA B 418 -21.77 17.99 -10.92
CA ALA B 418 -20.74 18.87 -10.39
C ALA B 418 -19.65 19.11 -11.41
N LYS B 419 -19.26 20.36 -11.60
CA LYS B 419 -18.29 20.75 -12.63
C LYS B 419 -16.87 20.76 -12.08
N VAL B 420 -16.48 19.67 -11.42
CA VAL B 420 -15.11 19.49 -10.94
C VAL B 420 -14.29 18.92 -12.08
N ASP B 421 -13.29 19.70 -12.53
CA ASP B 421 -12.43 19.28 -13.64
C ASP B 421 -11.01 18.98 -13.17
N GLY B 422 -10.77 18.89 -11.87
CA GLY B 422 -9.42 18.66 -11.38
C GLY B 422 -9.40 18.13 -9.97
N TYR B 423 -8.39 17.33 -9.67
CA TYR B 423 -8.17 16.81 -8.32
C TYR B 423 -6.70 17.01 -7.97
N LEU B 424 -6.45 17.82 -6.95
CA LEU B 424 -5.10 18.12 -6.48
C LEU B 424 -4.93 17.52 -5.09
N HIS B 425 -4.14 16.47 -5.01
CA HIS B 425 -3.91 15.76 -3.76
C HIS B 425 -2.91 16.55 -2.92
N TRP B 426 -3.20 16.69 -1.62
CA TRP B 426 -2.21 17.29 -0.68
C TRP B 426 -1.60 16.17 0.15
N ALA B 427 -0.47 15.62 -0.29
CA ALA B 427 0.46 16.28 -1.23
C ALA B 427 1.37 15.23 -1.87
N LEU B 428 2.26 15.65 -2.78
CA LEU B 428 3.16 14.69 -3.48
C LEU B 428 4.28 14.30 -2.53
N THR B 429 4.72 15.23 -1.70
CA THR B 429 5.83 15.05 -0.76
C THR B 429 5.43 15.53 0.62
N ASP B 430 6.00 14.93 1.65
CA ASP B 430 5.76 15.47 2.99
C ASP B 430 6.29 16.90 3.07
N ASN B 431 5.84 17.64 4.07
CA ASN B 431 6.15 19.07 4.13
C ASN B 431 5.95 19.56 5.56
N PHE B 432 6.31 20.83 5.76
CA PHE B 432 6.17 21.49 7.06
C PHE B 432 4.70 21.73 7.37
N GLU B 433 4.16 20.98 8.34
CA GLU B 433 2.76 21.07 8.71
C GLU B 433 2.54 22.17 9.75
N TRP B 434 3.00 23.36 9.38
CA TRP B 434 2.84 24.59 10.16
C TRP B 434 3.28 24.39 11.61
N GLY B 435 2.37 24.65 12.55
CA GLY B 435 2.67 24.51 13.96
C GLY B 435 3.10 23.12 14.38
N SER B 436 2.67 22.08 13.64
CA SER B 436 3.02 20.70 13.99
C SER B 436 4.38 20.28 13.46
N GLY B 437 4.90 20.97 12.46
CA GLY B 437 6.24 20.69 11.97
C GLY B 437 6.27 19.57 10.96
N PHE B 438 7.43 18.94 10.85
CA PHE B 438 7.64 17.89 9.86
C PHE B 438 7.09 16.54 10.30
N SER B 439 6.51 16.44 11.50
CA SER B 439 6.06 15.15 12.00
C SER B 439 4.79 14.66 11.32
N LYS B 440 4.01 15.55 10.72
CA LYS B 440 2.75 15.18 10.07
C LYS B 440 3.02 14.92 8.60
N LYS B 441 3.04 13.64 8.23
CA LYS B 441 3.43 13.20 6.90
C LYS B 441 2.18 13.06 6.03
N PHE B 442 1.92 14.08 5.21
CA PHE B 442 0.77 14.11 4.31
C PHE B 442 1.09 13.59 2.90
N GLY B 443 2.34 13.24 2.63
CA GLY B 443 2.77 13.00 1.26
C GLY B 443 2.51 11.58 0.76
N LEU B 444 2.32 11.48 -0.57
CA LEU B 444 2.44 10.20 -1.24
C LEU B 444 3.88 9.75 -1.39
N ILE B 445 4.82 10.67 -1.22
CA ILE B 445 6.25 10.39 -1.28
C ILE B 445 6.86 10.81 0.06
N LYS B 446 7.53 9.88 0.73
CA LYS B 446 8.17 10.17 1.99
C LYS B 446 9.45 10.95 1.76
N VAL B 447 9.66 11.97 2.60
CA VAL B 447 10.84 12.81 2.52
C VAL B 447 11.71 12.52 3.75
N ASP B 448 12.97 12.18 3.52
CA ASP B 448 13.98 12.14 4.58
C ASP B 448 14.55 13.55 4.69
N TYR B 449 14.31 14.21 5.82
CA TYR B 449 14.65 15.62 5.95
C TYR B 449 16.12 15.88 6.23
N LYS B 450 16.94 14.83 6.36
CA LYS B 450 18.38 15.01 6.55
C LYS B 450 19.17 14.87 5.26
N THR B 451 18.80 13.92 4.40
CA THR B 451 19.43 13.75 3.10
C THR B 451 18.63 14.39 1.98
N LYS B 452 17.41 14.86 2.26
CA LYS B 452 16.53 15.48 1.26
C LYS B 452 16.15 14.50 0.15
N LYS B 453 16.13 13.21 0.48
CA LYS B 453 15.78 12.17 -0.47
C LYS B 453 14.29 11.86 -0.41
N ARG B 454 13.74 11.41 -1.54
CA ARG B 454 12.32 11.13 -1.69
C ARG B 454 12.12 9.64 -1.93
N TYR B 455 11.22 9.03 -1.16
CA TYR B 455 10.91 7.61 -1.27
C TYR B 455 9.42 7.41 -1.54
N LEU B 456 9.12 6.51 -2.46
CA LEU B 456 7.74 6.29 -2.90
C LEU B 456 6.96 5.47 -1.88
N ARG B 457 5.79 5.99 -1.47
CA ARG B 457 4.85 5.19 -0.71
C ARG B 457 3.93 4.42 -1.65
N PRO B 458 3.41 3.27 -1.21
CA PRO B 458 2.57 2.46 -2.11
C PRO B 458 1.38 3.21 -2.67
N SER B 459 0.80 4.14 -1.92
CA SER B 459 -0.34 4.91 -2.42
C SER B 459 0.01 5.70 -3.68
N ALA B 460 1.28 6.03 -3.88
CA ALA B 460 1.67 6.76 -5.09
C ALA B 460 1.47 5.90 -6.34
N LEU B 461 1.70 4.59 -6.22
CA LEU B 461 1.45 3.70 -7.35
C LEU B 461 -0.04 3.48 -7.58
N ILE B 462 -0.85 3.62 -6.54
CA ILE B 462 -2.31 3.65 -6.72
C ILE B 462 -2.70 4.85 -7.56
N MET B 463 -2.10 6.01 -7.25
CA MET B 463 -2.33 7.20 -8.07
C MET B 463 -1.85 6.98 -9.50
N LYS B 464 -0.71 6.29 -9.66
CA LYS B 464 -0.21 5.99 -11.00
C LYS B 464 -1.21 5.17 -11.79
N GLU B 465 -1.87 4.20 -11.14
CA GLU B 465 -2.85 3.37 -11.83
C GLU B 465 -4.13 4.15 -12.12
N ILE B 466 -4.49 5.11 -11.27
CA ILE B 466 -5.71 5.88 -11.47
C ILE B 466 -5.54 6.90 -12.58
N THR B 467 -4.42 7.62 -12.59
CA THR B 467 -4.17 8.58 -13.67
C THR B 467 -4.01 7.86 -15.01
N LYS B 468 -3.35 6.71 -15.01
CA LYS B 468 -3.21 5.93 -16.24
C LYS B 468 -4.56 5.49 -16.79
N HIS B 469 -5.51 5.19 -15.90
CA HIS B 469 -6.83 4.75 -16.29
C HIS B 469 -7.84 5.90 -16.43
N ASN B 470 -7.49 7.09 -15.94
CA ASN B 470 -8.42 8.23 -15.90
C ASN B 470 -9.70 7.83 -15.18
N GLY B 471 -9.52 7.30 -13.97
CA GLY B 471 -10.62 6.73 -13.22
C GLY B 471 -10.16 5.52 -12.43
N ILE B 472 -11.01 4.99 -11.55
CA ILE B 472 -10.64 3.90 -10.66
C ILE B 472 -10.85 2.59 -11.40
N PRO B 473 -9.79 1.83 -11.69
CA PRO B 473 -9.97 0.50 -12.27
C PRO B 473 -10.66 -0.42 -11.27
N GLU B 474 -11.42 -1.38 -11.79
CA GLU B 474 -12.23 -2.22 -10.90
C GLU B 474 -11.38 -3.13 -10.04
N GLU B 475 -10.11 -3.35 -10.40
CA GLU B 475 -9.21 -4.08 -9.52
C GLU B 475 -8.92 -3.32 -8.22
N LEU B 476 -9.26 -2.04 -8.14
CA LEU B 476 -8.93 -1.22 -6.99
C LEU B 476 -10.15 -0.70 -6.26
N GLU B 477 -11.35 -1.17 -6.60
CA GLU B 477 -12.56 -0.67 -5.94
C GLU B 477 -12.70 -1.16 -4.51
N TRP B 478 -11.97 -2.22 -4.12
CA TRP B 478 -11.99 -2.62 -2.72
C TRP B 478 -11.39 -1.52 -1.84
N LEU B 479 -10.41 -0.78 -2.35
CA LEU B 479 -9.88 0.37 -1.63
C LEU B 479 -10.84 1.55 -1.63
N GLY B 480 -11.93 1.48 -2.39
CA GLY B 480 -12.90 2.56 -2.47
C GLY B 480 -14.01 2.53 -1.45
N GLU B 481 -14.03 1.56 -0.54
CA GLU B 481 -15.11 1.47 0.43
C GLU B 481 -15.07 2.68 1.38
N ASP B 482 -16.26 3.15 1.75
CA ASP B 482 -16.35 4.36 2.56
C ASP B 482 -15.97 4.08 4.01
N LYS B 483 -16.51 3.02 4.60
CA LYS B 483 -16.34 2.73 6.02
C LYS B 483 -15.11 1.87 6.21
N PHE B 484 -14.08 2.44 6.83
CA PHE B 484 -12.89 1.69 7.21
C PHE B 484 -12.09 2.43 8.28
#